data_4TVO
#
_entry.id   4TVO
#
_cell.length_a   52.606
_cell.length_b   79.307
_cell.length_c   155.513
_cell.angle_alpha   90.00
_cell.angle_beta   90.00
_cell.angle_gamma   90.00
#
_symmetry.space_group_name_H-M   'P 21 21 21'
#
loop_
_entity.id
_entity.type
_entity.pdbx_description
1 polymer 'Malate dehydrogenase'
2 non-polymer 'SULFATE ION'
3 non-polymer 'SODIUM ION'
4 water water
#
_entity_poly.entity_id   1
_entity_poly.type   'polypeptide(L)'
_entity_poly.pdbx_seq_one_letter_code
;VSASPLKVAVTGAAGQIGYSLLFRLASGSLLGPDRPIELRLLEIEPALQALEGVVMELDDCAFPLLSGVEIGSDPQKIFD
GVSLALLVGARPRGAGMERSDLLEANGAIFTAQGKALNAVAADDVRVGVTGNPANTNALIAMTNAPDIPRERFSALTRLD
HNRAISQLAAKTGAAVTDIKKMTIWGNHSATQYPDLFHAEVAGKNAAEVVNDQAWIEDEFIPTVAKRGAAIIDARGASSA
ASAASATIDAARDWLLGTPADDWVSMAVVSDGSYGVPEGLISSFPVTTKGGNWTIVSGLEIDEFSRGRIDKSTAELADER
SAVTELGLIA
;
_entity_poly.pdbx_strand_id   A,B
#
loop_
_chem_comp.id
_chem_comp.type
_chem_comp.name
_chem_comp.formula
NA non-polymer 'SODIUM ION' 'Na 1'
SO4 non-polymer 'SULFATE ION' 'O4 S -2'
#
# COMPACT_ATOMS: atom_id res chain seq x y z
N ALA A 3 -9.38 13.43 -17.07
CA ALA A 3 -7.96 13.96 -17.13
C ALA A 3 -7.03 13.01 -17.93
N SER A 4 -6.08 13.55 -18.68
CA SER A 4 -5.02 12.74 -19.31
C SER A 4 -4.28 12.01 -18.17
N PRO A 5 -3.83 10.79 -18.43
CA PRO A 5 -3.06 10.10 -17.32
C PRO A 5 -1.77 10.86 -17.01
N LEU A 6 -1.43 10.98 -15.70
CA LEU A 6 -0.15 11.54 -15.31
C LEU A 6 0.89 10.42 -15.51
N LYS A 7 1.95 10.70 -16.24
CA LYS A 7 2.97 9.74 -16.48
C LYS A 7 4.00 9.82 -15.35
N VAL A 8 4.08 8.72 -14.61
CA VAL A 8 4.88 8.65 -13.39
C VAL A 8 5.93 7.54 -13.58
N ALA A 9 7.18 7.88 -13.46
CA ALA A 9 8.27 6.89 -13.46
C ALA A 9 8.62 6.52 -12.04
N VAL A 10 8.93 5.23 -11.86
CA VAL A 10 9.41 4.69 -10.58
C VAL A 10 10.60 3.78 -10.85
N THR A 11 11.73 4.11 -10.27
CA THR A 11 12.89 3.25 -10.38
C THR A 11 12.98 2.28 -9.23
N GLY A 12 13.84 1.26 -9.39
CA GLY A 12 13.83 0.17 -8.41
C GLY A 12 12.49 -0.50 -8.19
N ALA A 13 11.74 -0.61 -9.26
CA ALA A 13 10.34 -0.86 -9.11
C ALA A 13 9.95 -2.26 -8.63
N ALA A 14 10.87 -3.20 -8.69
CA ALA A 14 10.62 -4.53 -8.12
C ALA A 14 11.13 -4.69 -6.71
N GLY A 15 11.72 -3.67 -6.13
CA GLY A 15 12.16 -3.69 -4.76
C GLY A 15 11.08 -3.51 -3.72
N GLN A 16 11.49 -3.47 -2.45
CA GLN A 16 10.50 -3.46 -1.38
C GLN A 16 9.75 -2.19 -1.30
N ILE A 17 10.47 -1.04 -1.47
CA ILE A 17 9.71 0.20 -1.49
C ILE A 17 8.74 0.26 -2.66
N GLY A 18 9.28 -0.14 -3.82
CA GLY A 18 8.42 -0.17 -5.01
C GLY A 18 7.17 -1.02 -4.81
N TYR A 19 7.27 -2.20 -4.17
CA TYR A 19 6.18 -3.11 -3.96
C TYR A 19 5.04 -2.49 -3.17
N SER A 20 5.43 -1.62 -2.26
CA SER A 20 4.39 -0.82 -1.51
C SER A 20 3.86 0.34 -2.34
N LEU A 21 4.80 1.01 -2.97
CA LEU A 21 4.44 2.28 -3.56
C LEU A 21 3.54 2.15 -4.78
N LEU A 22 3.75 1.16 -5.64
CA LEU A 22 3.11 1.13 -6.91
C LEU A 22 1.59 0.91 -6.74
N PHE A 23 1.18 0.12 -5.77
CA PHE A 23 -0.24 -0.14 -5.55
C PHE A 23 -0.92 1.07 -4.92
N ARG A 24 -0.24 1.79 -4.07
CA ARG A 24 -0.80 3.07 -3.61
C ARG A 24 -0.94 4.06 -4.75
N LEU A 25 0.04 4.23 -5.58
CA LEU A 25 -0.09 5.10 -6.77
C LEU A 25 -1.28 4.70 -7.65
N ALA A 26 -1.35 3.45 -8.02
CA ALA A 26 -2.40 2.99 -8.95
C ALA A 26 -3.82 3.08 -8.34
N SER A 27 -3.91 3.05 -7.01
CA SER A 27 -5.20 3.06 -6.29
C SER A 27 -5.73 4.44 -6.18
N GLY A 28 -4.96 5.49 -6.44
CA GLY A 28 -5.45 6.85 -6.26
C GLY A 28 -4.83 7.67 -5.16
N SER A 29 -3.80 7.13 -4.50
CA SER A 29 -3.24 7.88 -3.34
C SER A 29 -2.54 9.16 -3.68
N LEU A 30 -2.02 9.30 -4.89
CA LEU A 30 -1.25 10.48 -5.28
C LEU A 30 -2.19 11.62 -5.64
N LEU A 31 -3.02 11.42 -6.65
CA LEU A 31 -3.86 12.51 -7.15
C LEU A 31 -5.33 12.39 -6.88
N GLY A 32 -5.75 11.36 -6.21
CA GLY A 32 -7.17 11.17 -5.84
C GLY A 32 -7.93 10.30 -6.78
N PRO A 33 -9.24 10.15 -6.47
CA PRO A 33 -9.99 9.11 -7.13
C PRO A 33 -10.40 9.30 -8.56
N ASP A 34 -10.16 10.46 -9.15
CA ASP A 34 -10.53 10.75 -10.53
C ASP A 34 -9.43 11.10 -11.50
N ARG A 35 -8.18 10.86 -11.10
CA ARG A 35 -7.07 11.26 -11.90
C ARG A 35 -6.23 10.00 -12.29
N PRO A 36 -6.36 9.54 -13.53
CA PRO A 36 -5.58 8.34 -13.92
C PRO A 36 -4.09 8.58 -13.93
N ILE A 37 -3.41 7.45 -13.83
CA ILE A 37 -1.97 7.42 -13.78
C ILE A 37 -1.46 6.40 -14.79
N GLU A 38 -0.39 6.72 -15.48
CA GLU A 38 0.40 5.73 -16.25
C GLU A 38 1.71 5.43 -15.58
N LEU A 39 1.98 4.17 -15.25
CA LEU A 39 3.20 3.82 -14.54
C LEU A 39 4.29 3.39 -15.53
N ARG A 40 5.47 3.97 -15.37
CA ARG A 40 6.62 3.67 -16.19
C ARG A 40 7.69 3.18 -15.23
N LEU A 41 8.07 1.91 -15.36
CA LEU A 41 8.76 1.21 -14.25
C LEU A 41 10.15 0.79 -14.73
N LEU A 42 11.19 1.22 -14.00
CA LEU A 42 12.58 0.88 -14.31
C LEU A 42 13.12 -0.11 -13.37
N GLU A 43 13.83 -1.13 -13.91
CA GLU A 43 14.60 -2.04 -13.11
C GLU A 43 15.91 -2.36 -13.87
N ILE A 44 16.83 -2.91 -13.12
CA ILE A 44 18.06 -3.50 -13.72
C ILE A 44 17.67 -4.80 -14.38
N GLU A 45 18.47 -5.23 -15.39
CA GLU A 45 18.09 -6.37 -16.23
C GLU A 45 17.78 -7.64 -15.47
N PRO A 46 18.56 -8.00 -14.46
CA PRO A 46 18.30 -9.25 -13.76
C PRO A 46 16.99 -9.22 -12.94
N ALA A 47 16.44 -8.03 -12.73
CA ALA A 47 15.17 -7.89 -11.93
C ALA A 47 13.99 -7.73 -12.83
N LEU A 48 14.11 -7.75 -14.17
CA LEU A 48 12.97 -7.58 -15.02
C LEU A 48 11.94 -8.71 -14.97
N GLN A 49 12.37 -9.96 -14.72
CA GLN A 49 11.40 -11.03 -14.60
C GLN A 49 10.52 -10.84 -13.37
N ALA A 50 11.14 -10.42 -12.28
CA ALA A 50 10.39 -10.14 -11.07
C ALA A 50 9.45 -8.95 -11.34
N LEU A 51 9.93 -7.92 -12.05
CA LEU A 51 9.07 -6.75 -12.32
C LEU A 51 7.89 -7.18 -13.17
N GLU A 52 8.08 -8.13 -14.09
CA GLU A 52 6.95 -8.65 -14.84
C GLU A 52 5.89 -9.24 -13.89
N GLY A 53 6.33 -9.92 -12.85
CA GLY A 53 5.46 -10.46 -11.86
C GLY A 53 4.70 -9.38 -11.10
N VAL A 54 5.41 -8.32 -10.72
CA VAL A 54 4.72 -7.21 -10.05
C VAL A 54 3.66 -6.62 -10.94
N VAL A 55 3.93 -6.43 -12.24
CA VAL A 55 2.97 -5.90 -13.18
C VAL A 55 1.74 -6.85 -13.34
N MET A 56 1.98 -8.15 -13.34
CA MET A 56 0.86 -9.09 -13.30
C MET A 56 -0.06 -8.78 -12.09
N GLU A 57 0.55 -8.58 -10.93
CA GLU A 57 -0.24 -8.25 -9.73
C GLU A 57 -0.97 -6.94 -9.87
N LEU A 58 -0.30 -5.90 -10.41
CA LEU A 58 -1.00 -4.66 -10.66
C LEU A 58 -2.22 -4.86 -11.57
N ASP A 59 -2.04 -5.59 -12.68
CA ASP A 59 -3.17 -5.88 -13.54
C ASP A 59 -4.30 -6.61 -12.81
N ASP A 60 -3.92 -7.51 -11.93
CA ASP A 60 -4.88 -8.32 -11.16
C ASP A 60 -5.60 -7.56 -10.04
N CYS A 61 -5.25 -6.31 -9.80
CA CYS A 61 -6.00 -5.43 -8.93
C CYS A 61 -7.16 -4.78 -9.62
N ALA A 62 -7.19 -4.81 -10.96
CA ALA A 62 -8.31 -4.19 -11.71
C ALA A 62 -8.54 -2.75 -11.31
N PHE A 63 -7.41 -2.01 -11.27
CA PHE A 63 -7.48 -0.61 -10.83
C PHE A 63 -8.07 0.28 -11.90
N PRO A 64 -9.17 0.98 -11.59
CA PRO A 64 -9.73 1.86 -12.63
C PRO A 64 -8.87 3.02 -13.06
N LEU A 65 -7.97 3.48 -12.22
CA LEU A 65 -7.12 4.58 -12.54
C LEU A 65 -5.85 4.26 -13.25
N LEU A 66 -5.51 2.98 -13.35
CA LEU A 66 -4.24 2.63 -13.94
C LEU A 66 -4.40 2.57 -15.47
N SER A 67 -3.95 3.57 -16.16
CA SER A 67 -4.21 3.63 -17.59
C SER A 67 -3.35 2.72 -18.38
N GLY A 68 -2.19 2.39 -17.86
CA GLY A 68 -1.28 1.46 -18.48
C GLY A 68 0.03 1.41 -17.70
N VAL A 69 0.83 0.43 -18.07
CA VAL A 69 2.11 0.19 -17.46
C VAL A 69 3.12 -0.11 -18.53
N GLU A 70 4.28 0.55 -18.49
CA GLU A 70 5.45 0.16 -19.34
C GLU A 70 6.57 -0.19 -18.42
N ILE A 71 7.31 -1.22 -18.73
CA ILE A 71 8.48 -1.66 -17.95
C ILE A 71 9.72 -1.79 -18.80
N GLY A 72 10.86 -1.58 -18.21
CA GLY A 72 12.09 -1.71 -19.00
C GLY A 72 13.28 -1.40 -18.15
N SER A 73 14.45 -1.47 -18.80
CA SER A 73 15.72 -1.21 -18.12
C SER A 73 16.44 0.00 -18.71
N ASP A 74 15.86 0.63 -19.74
CA ASP A 74 16.51 1.78 -20.41
C ASP A 74 15.91 3.07 -19.85
N PRO A 75 16.66 3.86 -19.07
CA PRO A 75 16.05 5.07 -18.55
C PRO A 75 15.53 6.09 -19.51
N GLN A 76 16.16 6.19 -20.71
CA GLN A 76 15.64 7.06 -21.73
C GLN A 76 14.29 6.60 -22.25
N LYS A 77 14.00 5.30 -22.25
CA LYS A 77 12.69 4.84 -22.66
C LYS A 77 11.70 5.06 -21.54
N ILE A 78 12.06 4.67 -20.33
CA ILE A 78 11.10 4.73 -19.20
C ILE A 78 10.77 6.15 -18.75
N PHE A 79 11.75 7.06 -18.84
CA PHE A 79 11.49 8.42 -18.44
C PHE A 79 10.89 9.32 -19.56
N ASP A 80 10.71 8.77 -20.76
CA ASP A 80 10.15 9.56 -21.88
C ASP A 80 8.80 10.16 -21.57
N GLY A 81 8.77 11.49 -21.55
CA GLY A 81 7.55 12.18 -21.31
C GLY A 81 6.97 12.17 -19.91
N VAL A 82 7.76 11.71 -18.95
CA VAL A 82 7.21 11.68 -17.57
C VAL A 82 7.13 13.01 -16.89
N SER A 83 6.09 13.17 -16.12
CA SER A 83 5.79 14.41 -15.37
C SER A 83 6.19 14.29 -13.86
N LEU A 84 6.38 13.06 -13.42
CA LEU A 84 6.85 12.82 -12.01
C LEU A 84 7.78 11.64 -12.07
N ALA A 85 8.98 11.80 -11.53
CA ALA A 85 9.96 10.73 -11.53
C ALA A 85 10.31 10.52 -10.08
N LEU A 86 10.06 9.30 -9.62
CA LEU A 86 10.33 8.87 -8.23
C LEU A 86 11.55 7.95 -8.32
N LEU A 87 12.69 8.54 -7.99
CA LEU A 87 13.98 7.82 -8.07
C LEU A 87 14.22 7.14 -6.71
N VAL A 88 13.79 5.90 -6.65
CA VAL A 88 13.77 5.15 -5.40
C VAL A 88 14.86 4.12 -5.42
N GLY A 89 15.18 3.57 -6.57
CA GLY A 89 16.08 2.49 -6.69
C GLY A 89 17.55 2.82 -6.55
N ALA A 90 18.17 2.21 -5.56
CA ALA A 90 19.58 2.39 -5.29
C ALA A 90 19.93 1.18 -4.37
N ARG A 91 21.19 0.94 -4.05
CA ARG A 91 21.49 -0.15 -3.05
C ARG A 91 20.95 0.32 -1.71
N PRO A 92 20.36 -0.60 -0.91
CA PRO A 92 19.86 -0.23 0.44
C PRO A 92 21.00 -0.19 1.44
N ARG A 93 20.85 0.48 2.56
CA ARG A 93 21.83 0.15 3.63
C ARG A 93 21.32 -0.98 4.54
N GLY A 94 22.25 -1.57 5.30
CA GLY A 94 21.86 -2.62 6.25
C GLY A 94 22.28 -2.21 7.64
N ALA A 95 22.15 -3.13 8.58
CA ALA A 95 22.52 -2.83 9.92
C ALA A 95 24.05 -2.44 10.00
N GLY A 96 24.32 -1.48 10.90
CA GLY A 96 25.67 -1.02 11.20
C GLY A 96 26.17 0.00 10.18
N MET A 97 25.40 0.26 9.12
CA MET A 97 25.83 1.19 8.06
C MET A 97 25.27 2.60 8.24
N GLU A 98 26.07 3.58 7.85
CA GLU A 98 25.51 4.96 7.72
C GLU A 98 25.01 5.10 6.30
N ARG A 99 24.00 5.94 6.13
CA ARG A 99 23.52 6.18 4.76
C ARG A 99 24.64 6.71 3.85
N SER A 100 25.60 7.49 4.40
CA SER A 100 26.66 8.05 3.58
C SER A 100 27.65 7.00 3.07
N ASP A 101 27.62 5.79 3.69
CA ASP A 101 28.47 4.69 3.22
C ASP A 101 28.20 4.38 1.73
N LEU A 102 27.05 4.79 1.19
CA LEU A 102 26.71 4.40 -0.14
C LEU A 102 26.89 5.51 -1.16
N LEU A 103 27.52 6.60 -0.74
CA LEU A 103 27.71 7.71 -1.62
C LEU A 103 28.36 7.39 -2.97
N GLU A 104 29.47 6.66 -2.97
CA GLU A 104 30.17 6.39 -4.20
C GLU A 104 29.43 5.31 -4.98
N ALA A 105 28.91 4.33 -4.25
CA ALA A 105 28.21 3.23 -4.96
C ALA A 105 26.94 3.78 -5.70
N ASN A 106 26.07 4.41 -4.94
CA ASN A 106 24.82 4.87 -5.55
C ASN A 106 24.97 6.12 -6.46
N GLY A 107 26.00 6.93 -6.23
CA GLY A 107 26.19 8.18 -7.00
C GLY A 107 26.08 8.13 -8.49
N ALA A 108 26.75 7.17 -9.11
CA ALA A 108 26.76 7.08 -10.57
C ALA A 108 25.41 6.74 -11.24
N ILE A 109 24.56 6.07 -10.50
CA ILE A 109 23.12 5.84 -10.89
C ILE A 109 22.47 7.22 -11.21
N PHE A 110 22.74 8.16 -10.35
CA PHE A 110 22.04 9.48 -10.37
C PHE A 110 22.65 10.40 -11.43
N THR A 111 23.94 10.28 -11.74
CA THR A 111 24.50 11.00 -12.83
C THR A 111 23.77 10.59 -14.11
N ALA A 112 23.63 9.27 -14.29
CA ALA A 112 23.03 8.71 -15.49
C ALA A 112 21.52 9.06 -15.61
N GLN A 113 20.80 8.98 -14.47
CA GLN A 113 19.40 9.22 -14.47
C GLN A 113 19.08 10.70 -14.65
N GLY A 114 19.93 11.59 -14.06
CA GLY A 114 19.80 12.98 -14.34
C GLY A 114 19.96 13.29 -15.83
N LYS A 115 20.98 12.70 -16.42
CA LYS A 115 21.18 12.92 -17.89
C LYS A 115 20.01 12.40 -18.73
N ALA A 116 19.42 11.26 -18.33
CA ALA A 116 18.28 10.72 -19.03
C ALA A 116 17.07 11.58 -18.92
N LEU A 117 16.76 12.05 -17.68
CA LEU A 117 15.67 12.96 -17.46
C LEU A 117 15.85 14.20 -18.33
N ASN A 118 17.04 14.77 -18.28
CA ASN A 118 17.37 15.96 -19.07
C ASN A 118 17.02 15.78 -20.56
N ALA A 119 17.30 14.60 -21.08
CA ALA A 119 17.10 14.29 -22.51
C ALA A 119 15.61 14.11 -22.86
N VAL A 120 14.78 13.49 -22.00
CA VAL A 120 13.51 12.93 -22.40
C VAL A 120 12.27 13.31 -21.55
N ALA A 121 12.48 13.77 -20.30
CA ALA A 121 11.33 14.02 -19.47
C ALA A 121 10.41 15.10 -20.00
N ALA A 122 9.16 15.14 -19.58
CA ALA A 122 8.24 16.21 -19.92
C ALA A 122 8.75 17.53 -19.36
N ASP A 123 8.40 18.61 -20.06
CA ASP A 123 8.81 19.93 -19.57
C ASP A 123 8.42 20.21 -18.12
N ASP A 124 7.28 19.68 -17.67
CA ASP A 124 6.74 19.93 -16.35
C ASP A 124 7.23 18.98 -15.30
N VAL A 125 8.24 18.18 -15.60
CA VAL A 125 8.68 17.11 -14.64
C VAL A 125 9.06 17.65 -13.30
N ARG A 126 8.69 16.90 -12.25
CA ARG A 126 9.17 17.08 -10.88
C ARG A 126 9.84 15.72 -10.55
N VAL A 127 10.98 15.83 -9.86
CA VAL A 127 11.89 14.67 -9.62
C VAL A 127 12.09 14.51 -8.12
N GLY A 128 11.59 13.40 -7.56
CA GLY A 128 11.79 13.12 -6.14
C GLY A 128 12.79 12.02 -5.93
N VAL A 129 13.76 12.19 -5.08
CA VAL A 129 14.78 11.20 -4.82
C VAL A 129 14.63 10.63 -3.41
N THR A 130 14.50 9.28 -3.33
CA THR A 130 14.35 8.52 -2.04
C THR A 130 15.68 7.71 -1.83
N GLY A 131 16.35 7.25 -2.91
CA GLY A 131 17.56 6.38 -2.77
C GLY A 131 18.75 7.00 -2.04
N ASN A 132 19.42 6.25 -1.13
CA ASN A 132 20.45 6.83 -0.24
C ASN A 132 21.88 6.96 -0.77
N PRO A 133 22.61 7.99 -0.32
CA PRO A 133 22.22 9.15 0.56
C PRO A 133 21.41 10.23 -0.18
N ALA A 134 20.16 10.38 0.22
CA ALA A 134 19.18 10.99 -0.64
C ALA A 134 19.54 12.43 -1.09
N ASN A 135 19.87 13.31 -0.18
CA ASN A 135 20.15 14.71 -0.53
C ASN A 135 21.25 14.82 -1.55
N THR A 136 22.33 14.04 -1.37
CA THR A 136 23.47 14.11 -2.29
C THR A 136 23.16 13.50 -3.65
N ASN A 137 22.33 12.42 -3.67
CA ASN A 137 21.87 11.81 -4.91
C ASN A 137 21.01 12.78 -5.69
N ALA A 138 20.14 13.53 -4.99
CA ALA A 138 19.35 14.55 -5.66
C ALA A 138 20.22 15.67 -6.19
N LEU A 139 21.26 16.03 -5.49
CA LEU A 139 22.20 17.04 -5.97
C LEU A 139 22.89 16.55 -7.23
N ILE A 140 23.35 15.31 -7.24
CA ILE A 140 23.92 14.74 -8.44
C ILE A 140 22.98 14.77 -9.64
N ALA A 141 21.73 14.30 -9.44
CA ALA A 141 20.79 14.28 -10.53
C ALA A 141 20.50 15.68 -11.05
N MET A 142 20.31 16.63 -10.15
CA MET A 142 19.94 18.02 -10.50
C MET A 142 21.11 18.61 -11.36
N THR A 143 22.33 18.44 -10.94
CA THR A 143 23.45 19.07 -11.63
C THR A 143 23.61 18.45 -13.03
N ASN A 144 23.22 17.21 -13.21
CA ASN A 144 23.32 16.51 -14.51
C ASN A 144 22.16 16.71 -15.44
N ALA A 145 21.26 17.61 -15.05
CA ALA A 145 20.13 17.99 -15.82
C ALA A 145 20.02 19.47 -15.98
N PRO A 146 20.99 20.04 -16.73
CA PRO A 146 21.05 21.49 -16.81
C PRO A 146 19.92 22.12 -17.52
N ASP A 147 19.16 21.39 -18.36
CA ASP A 147 18.00 21.96 -19.04
C ASP A 147 16.67 21.80 -18.29
N ILE A 148 16.71 21.23 -17.07
CA ILE A 148 15.57 21.23 -16.19
C ILE A 148 15.81 22.20 -15.02
N PRO A 149 14.82 23.02 -14.71
CA PRO A 149 15.06 23.98 -13.65
C PRO A 149 15.51 23.25 -12.35
N ARG A 150 16.45 23.86 -11.65
CA ARG A 150 17.05 23.28 -10.42
C ARG A 150 15.95 22.99 -9.40
N GLU A 151 14.93 23.83 -9.33
CA GLU A 151 13.89 23.64 -8.30
C GLU A 151 13.01 22.41 -8.52
N ARG A 152 13.13 21.75 -9.68
CA ARG A 152 12.39 20.52 -9.92
C ARG A 152 12.92 19.30 -9.20
N PHE A 153 14.04 19.41 -8.51
CA PHE A 153 14.68 18.25 -7.84
C PHE A 153 14.51 18.37 -6.34
N SER A 154 14.10 17.27 -5.72
CA SER A 154 14.01 17.24 -4.28
C SER A 154 14.44 15.89 -3.75
N ALA A 155 15.04 15.86 -2.58
CA ALA A 155 15.22 14.61 -1.84
C ALA A 155 14.16 14.52 -0.70
N LEU A 156 13.76 13.27 -0.42
CA LEU A 156 12.68 12.96 0.61
C LEU A 156 13.12 13.02 2.02
N THR A 157 12.70 14.06 2.72
CA THR A 157 12.81 14.10 4.15
C THR A 157 11.41 13.96 4.73
N ARG A 158 10.41 13.59 3.92
CA ARG A 158 9.08 13.51 4.49
C ARG A 158 8.93 12.35 5.46
N LEU A 159 9.73 11.25 5.29
CA LEU A 159 9.62 10.17 6.28
C LEU A 159 10.14 10.64 7.62
N ASP A 160 11.21 11.42 7.62
CA ASP A 160 11.72 12.03 8.88
C ASP A 160 10.66 12.94 9.52
N HIS A 161 10.05 13.75 8.68
CA HIS A 161 8.98 14.72 9.06
C HIS A 161 7.84 13.97 9.71
N ASN A 162 7.36 12.92 9.05
CA ASN A 162 6.25 12.15 9.58
C ASN A 162 6.58 11.47 10.87
N ARG A 163 7.81 10.91 10.94
CA ARG A 163 8.31 10.33 12.20
C ARG A 163 8.26 11.31 13.34
N ALA A 164 8.73 12.49 13.07
CA ALA A 164 8.75 13.59 14.08
C ALA A 164 7.29 13.98 14.54
N ILE A 165 6.39 14.08 13.60
CA ILE A 165 4.94 14.28 13.92
C ILE A 165 4.50 13.18 14.85
N SER A 166 4.79 11.91 14.50
CA SER A 166 4.31 10.77 15.29
C SER A 166 4.83 10.84 16.71
N GLN A 167 6.14 11.14 16.84
CA GLN A 167 6.72 11.20 18.21
C GLN A 167 6.17 12.39 19.01
N LEU A 168 5.94 13.52 18.38
CA LEU A 168 5.38 14.68 19.06
C LEU A 168 3.95 14.40 19.50
N ALA A 169 3.20 13.78 18.62
CA ALA A 169 1.77 13.45 18.98
C ALA A 169 1.71 12.51 20.13
N ALA A 170 2.59 11.52 20.15
CA ALA A 170 2.66 10.57 21.24
C ALA A 170 3.01 11.28 22.57
N LYS A 171 3.98 12.13 22.56
CA LYS A 171 4.45 12.78 23.79
C LYS A 171 3.37 13.63 24.40
N THR A 172 2.61 14.32 23.56
CA THR A 172 1.68 15.34 23.97
C THR A 172 0.27 14.81 24.19
N GLY A 173 0.02 13.61 23.74
CA GLY A 173 -1.34 13.01 23.81
C GLY A 173 -2.26 13.57 22.76
N ALA A 174 -1.73 14.17 21.70
CA ALA A 174 -2.43 14.83 20.66
C ALA A 174 -2.67 13.84 19.48
N ALA A 175 -3.63 14.17 18.67
CA ALA A 175 -3.86 13.48 17.39
C ALA A 175 -2.84 13.97 16.39
N VAL A 176 -2.46 13.13 15.42
CA VAL A 176 -1.58 13.67 14.39
C VAL A 176 -2.14 14.86 13.63
N THR A 177 -3.43 14.91 13.44
CA THR A 177 -4.10 15.98 12.79
C THR A 177 -3.95 17.32 13.59
N ASP A 178 -3.59 17.23 14.86
CA ASP A 178 -3.35 18.45 15.66
C ASP A 178 -2.00 19.05 15.38
N ILE A 179 -1.05 18.29 14.78
CA ILE A 179 0.28 18.78 14.65
C ILE A 179 0.47 19.54 13.31
N LYS A 180 0.99 20.74 13.36
CA LYS A 180 1.27 21.56 12.17
C LYS A 180 2.68 22.14 12.30
N LYS A 181 3.19 22.47 11.14
CA LYS A 181 4.43 23.24 11.05
C LYS A 181 5.67 22.51 11.64
N MET A 182 5.71 21.21 11.43
CA MET A 182 6.91 20.46 11.73
C MET A 182 7.96 20.80 10.68
N THR A 183 9.20 20.80 11.13
CA THR A 183 10.34 21.05 10.19
C THR A 183 11.48 20.09 10.48
N ILE A 184 12.00 19.47 9.44
CA ILE A 184 13.25 18.75 9.48
C ILE A 184 14.25 19.60 8.70
N TRP A 185 15.36 19.95 9.32
CA TRP A 185 16.40 20.72 8.66
C TRP A 185 17.57 19.89 8.28
N GLY A 186 18.12 20.13 7.10
CA GLY A 186 19.41 19.54 6.75
C GLY A 186 19.35 18.23 6.00
N ASN A 187 20.21 17.30 6.36
CA ASN A 187 20.43 16.06 5.76
C ASN A 187 19.50 14.98 6.19
N HIS A 188 19.13 14.09 5.30
CA HIS A 188 18.42 12.80 5.65
C HIS A 188 19.51 11.83 6.19
N SER A 189 19.84 12.02 7.43
CA SER A 189 20.89 11.30 8.09
C SER A 189 20.72 11.46 9.55
N ALA A 190 21.68 10.91 10.30
CA ALA A 190 21.71 11.12 11.69
C ALA A 190 21.93 12.53 12.21
N THR A 191 22.35 13.48 11.36
CA THR A 191 22.49 14.88 11.72
C THR A 191 21.29 15.71 11.43
N GLN A 192 20.21 15.08 10.93
CA GLN A 192 18.98 15.84 10.72
C GLN A 192 18.54 16.54 11.97
N TYR A 193 17.97 17.72 11.84
CA TYR A 193 17.46 18.50 12.96
C TYR A 193 15.95 18.63 12.88
N PRO A 194 15.19 17.84 13.70
CA PRO A 194 13.79 18.07 13.81
C PRO A 194 13.47 19.24 14.73
N ASP A 195 12.75 20.21 14.30
CA ASP A 195 12.59 21.51 14.97
C ASP A 195 11.17 21.68 15.50
N LEU A 196 11.04 21.53 16.81
CA LEU A 196 9.75 21.82 17.55
C LEU A 196 9.49 23.24 17.79
N PHE A 197 10.51 24.10 17.70
CA PHE A 197 10.33 25.48 18.11
C PHE A 197 9.45 26.28 17.24
N HIS A 198 9.22 25.83 16.01
CA HIS A 198 8.29 26.53 15.18
C HIS A 198 7.00 25.69 14.94
N ALA A 199 6.94 24.50 15.54
CA ALA A 199 5.80 23.58 15.31
C ALA A 199 4.63 23.96 16.23
N GLU A 200 3.45 23.46 15.93
CA GLU A 200 2.25 23.77 16.71
C GLU A 200 1.56 22.46 17.07
N VAL A 201 1.03 22.40 18.28
CA VAL A 201 0.12 21.35 18.67
C VAL A 201 -1.25 22.04 18.89
N ALA A 202 -2.19 21.89 17.99
CA ALA A 202 -3.49 22.59 18.04
C ALA A 202 -3.44 24.06 18.48
N GLY A 203 -2.71 24.89 17.78
CA GLY A 203 -2.69 26.30 18.06
C GLY A 203 -1.83 26.67 19.22
N LYS A 204 -0.97 25.79 19.69
CA LYS A 204 -0.07 26.06 20.77
C LYS A 204 1.37 25.74 20.37
N ASN A 205 2.32 26.55 20.79
CA ASN A 205 3.73 26.26 20.35
C ASN A 205 4.14 24.93 20.91
N ALA A 206 4.68 24.06 20.05
CA ALA A 206 5.01 22.74 20.44
C ALA A 206 6.02 22.57 21.53
N ALA A 207 7.08 23.36 21.47
CA ALA A 207 8.12 23.31 22.45
C ALA A 207 7.56 23.76 23.82
N GLU A 208 6.67 24.75 23.81
CA GLU A 208 6.03 25.19 25.05
C GLU A 208 5.09 24.15 25.63
N VAL A 209 4.41 23.38 24.77
CA VAL A 209 3.52 22.37 25.24
C VAL A 209 4.31 21.21 25.84
N VAL A 210 5.40 20.81 25.18
CA VAL A 210 6.20 19.77 25.77
C VAL A 210 6.87 20.28 27.07
N ASN A 211 7.32 21.53 27.06
CA ASN A 211 7.96 22.17 28.22
C ASN A 211 9.07 21.33 28.85
N ASP A 212 10.04 20.91 28.04
CA ASP A 212 11.07 19.97 28.56
C ASP A 212 12.21 19.84 27.58
N GLN A 213 13.16 20.76 27.71
CA GLN A 213 14.26 20.85 26.77
C GLN A 213 15.06 19.61 26.80
N ALA A 214 15.22 19.01 27.98
CA ALA A 214 15.99 17.79 28.09
C ALA A 214 15.39 16.63 27.28
N TRP A 215 14.05 16.53 27.28
CA TRP A 215 13.38 15.48 26.51
C TRP A 215 13.64 15.73 25.01
N ILE A 216 13.53 16.99 24.65
CA ILE A 216 13.78 17.39 23.24
C ILE A 216 15.18 16.91 22.82
N GLU A 217 16.17 17.25 23.64
CA GLU A 217 17.55 16.94 23.25
C GLU A 217 17.94 15.51 23.37
N ASP A 218 17.47 14.89 24.48
CA ASP A 218 17.96 13.56 24.81
C ASP A 218 17.13 12.45 24.25
N GLU A 219 15.87 12.70 23.91
CA GLU A 219 14.95 11.67 23.48
C GLU A 219 14.34 11.95 22.11
N PHE A 220 13.67 13.06 21.97
CA PHE A 220 13.02 13.37 20.69
C PHE A 220 13.96 13.43 19.48
N ILE A 221 15.01 14.24 19.57
CA ILE A 221 15.89 14.43 18.41
C ILE A 221 16.54 13.11 18.03
N PRO A 222 17.18 12.39 18.98
CA PRO A 222 17.84 11.14 18.57
C PRO A 222 16.91 10.04 18.18
N THR A 223 15.68 10.02 18.77
CA THR A 223 14.71 9.02 18.37
C THR A 223 14.31 9.19 16.87
N VAL A 224 14.03 10.43 16.50
CA VAL A 224 13.70 10.75 15.10
C VAL A 224 14.95 10.45 14.19
N ALA A 225 16.10 10.97 14.62
CA ALA A 225 17.32 10.90 13.77
C ALA A 225 17.73 9.49 13.50
N LYS A 226 17.58 8.60 14.49
CA LYS A 226 18.05 7.26 14.38
C LYS A 226 16.96 6.27 14.10
N ARG A 227 15.75 6.75 13.75
CA ARG A 227 14.66 5.86 13.61
C ARG A 227 14.81 4.76 12.55
N GLY A 228 15.48 5.14 11.45
CA GLY A 228 15.68 4.19 10.40
C GLY A 228 16.46 2.98 10.88
N ALA A 229 17.41 3.25 11.75
CA ALA A 229 18.25 2.16 12.30
C ALA A 229 17.40 1.35 13.26
N ALA A 230 16.48 2.01 13.99
CA ALA A 230 15.57 1.27 14.81
C ALA A 230 14.61 0.36 14.10
N ILE A 231 14.15 0.80 12.92
CA ILE A 231 13.31 -0.06 12.14
C ILE A 231 14.20 -1.28 11.70
N ILE A 232 15.42 -0.98 11.22
CA ILE A 232 16.32 -2.13 10.73
C ILE A 232 16.44 -3.14 11.87
N ASP A 233 16.64 -2.65 13.10
CA ASP A 233 16.79 -3.57 14.26
C ASP A 233 15.54 -4.33 14.57
N ALA A 234 14.37 -3.70 14.46
CA ALA A 234 13.10 -4.36 14.75
C ALA A 234 12.56 -5.30 13.67
N ARG A 235 12.76 -4.90 12.42
CA ARG A 235 12.17 -5.56 11.26
C ARG A 235 13.19 -6.52 10.61
N GLY A 236 14.48 -6.25 10.75
CA GLY A 236 15.53 -6.96 10.01
C GLY A 236 15.82 -6.44 8.61
N ALA A 237 15.19 -5.33 8.24
CA ALA A 237 15.34 -4.76 6.90
C ALA A 237 14.88 -3.27 7.03
N SER A 238 15.32 -2.45 6.09
CA SER A 238 14.98 -1.04 6.05
C SER A 238 13.47 -0.84 5.96
N SER A 239 13.01 0.35 6.33
CA SER A 239 11.62 0.74 6.11
C SER A 239 11.27 0.57 4.63
N ALA A 240 10.01 0.18 4.40
CA ALA A 240 9.51 0.05 3.01
C ALA A 240 8.15 0.66 2.88
N ALA A 241 7.13 0.13 3.52
CA ALA A 241 5.82 0.71 3.40
C ALA A 241 5.76 2.15 3.86
N SER A 242 6.41 2.44 4.97
CA SER A 242 6.40 3.85 5.50
C SER A 242 7.17 4.80 4.62
N ALA A 243 8.27 4.29 4.00
CA ALA A 243 8.99 5.11 3.00
C ALA A 243 8.16 5.34 1.81
N ALA A 244 7.42 4.31 1.37
CA ALA A 244 6.54 4.51 0.23
C ALA A 244 5.46 5.53 0.56
N SER A 245 4.93 5.43 1.77
CA SER A 245 3.86 6.35 2.19
C SER A 245 4.35 7.77 2.25
N ALA A 246 5.59 7.98 2.73
CA ALA A 246 6.15 9.32 2.79
C ALA A 246 6.44 9.90 1.41
N THR A 247 6.84 9.00 0.50
CA THR A 247 7.08 9.36 -0.91
C THR A 247 5.74 9.85 -1.53
N ILE A 248 4.64 9.16 -1.31
CA ILE A 248 3.35 9.59 -1.78
C ILE A 248 2.96 10.94 -1.16
N ASP A 249 3.16 11.07 0.14
CA ASP A 249 2.76 12.34 0.79
C ASP A 249 3.53 13.49 0.24
N ALA A 250 4.81 13.34 0.10
CA ALA A 250 5.67 14.44 -0.38
C ALA A 250 5.31 14.81 -1.80
N ALA A 251 5.14 13.80 -2.67
CA ALA A 251 4.81 14.07 -4.06
C ALA A 251 3.41 14.69 -4.15
N ARG A 252 2.47 14.18 -3.41
CA ARG A 252 1.13 14.73 -3.40
C ARG A 252 1.15 16.18 -3.02
N ASP A 253 1.78 16.51 -1.90
CA ASP A 253 1.79 17.93 -1.42
C ASP A 253 2.54 18.80 -2.42
N TRP A 254 3.59 18.31 -3.06
CA TRP A 254 4.32 19.08 -4.05
C TRP A 254 3.44 19.46 -5.24
N LEU A 255 2.70 18.46 -5.73
CA LEU A 255 1.85 18.64 -6.91
C LEU A 255 0.56 19.34 -6.60
N LEU A 256 -0.06 19.09 -5.46
CA LEU A 256 -1.44 19.61 -5.18
C LEU A 256 -1.46 20.71 -4.21
N GLY A 257 -0.36 20.96 -3.51
CA GLY A 257 -0.25 22.06 -2.60
C GLY A 257 -0.44 21.76 -1.15
N THR A 258 0.19 22.56 -0.33
CA THR A 258 0.05 22.46 1.11
C THR A 258 -1.20 23.21 1.63
N PRO A 259 -1.76 22.76 2.74
CA PRO A 259 -2.86 23.53 3.41
C PRO A 259 -2.47 24.92 3.82
N ALA A 260 -3.43 25.85 3.91
CA ALA A 260 -3.13 27.19 4.18
C ALA A 260 -2.51 27.37 5.54
N ASP A 261 -2.78 26.48 6.46
CA ASP A 261 -2.30 26.82 7.78
C ASP A 261 -0.99 26.07 8.18
N ASP A 262 -0.23 25.57 7.18
CA ASP A 262 0.72 24.47 7.46
C ASP A 262 1.94 24.60 6.52
N TRP A 263 2.97 23.80 6.80
CA TRP A 263 4.08 23.69 5.81
C TRP A 263 4.59 22.26 5.95
N VAL A 264 5.48 21.88 5.05
CA VAL A 264 6.05 20.54 5.09
C VAL A 264 7.55 20.67 4.92
N SER A 265 8.26 19.57 5.11
CA SER A 265 9.72 19.52 4.93
C SER A 265 10.04 18.91 3.57
N MET A 266 10.92 19.57 2.80
CA MET A 266 11.41 19.05 1.51
C MET A 266 12.86 19.45 1.43
N ALA A 267 13.74 18.52 1.03
CA ALA A 267 15.10 18.87 0.73
C ALA A 267 15.26 19.33 -0.72
N VAL A 268 15.60 20.60 -0.79
CA VAL A 268 15.64 21.30 -2.08
C VAL A 268 16.85 22.21 -2.15
N VAL A 269 17.10 22.78 -3.31
CA VAL A 269 18.36 23.55 -3.50
C VAL A 269 18.36 24.85 -2.70
N SER A 270 19.42 25.06 -1.96
CA SER A 270 19.60 26.25 -1.15
C SER A 270 20.06 27.46 -2.02
N ASP A 271 19.33 28.58 -1.74
CA ASP A 271 19.76 29.89 -2.20
C ASP A 271 20.52 30.66 -1.16
N GLY A 272 20.98 30.00 -0.08
CA GLY A 272 21.66 30.68 1.00
C GLY A 272 20.77 30.97 2.19
N SER A 273 19.47 30.78 2.06
CA SER A 273 18.50 30.97 3.17
C SER A 273 18.91 30.32 4.42
N TYR A 274 18.70 31.01 5.54
CA TYR A 274 18.97 30.46 6.84
C TYR A 274 20.41 30.06 7.07
N GLY A 275 21.33 30.64 6.31
CA GLY A 275 22.70 30.30 6.43
C GLY A 275 23.11 28.95 5.94
N VAL A 276 22.27 28.39 5.06
CA VAL A 276 22.56 27.10 4.48
C VAL A 276 23.34 27.30 3.17
N PRO A 277 24.59 26.79 3.09
CA PRO A 277 25.41 27.07 1.93
C PRO A 277 24.64 26.94 0.63
N GLU A 278 24.83 27.88 -0.26
CA GLU A 278 24.13 27.88 -1.55
C GLU A 278 24.53 26.65 -2.32
N GLY A 279 23.52 26.09 -2.99
CA GLY A 279 23.70 24.99 -3.90
C GLY A 279 23.58 23.61 -3.26
N LEU A 280 23.56 23.53 -1.93
CA LEU A 280 23.24 22.26 -1.33
C LEU A 280 21.80 21.92 -1.50
N ILE A 281 21.49 20.63 -1.63
CA ILE A 281 20.12 20.10 -1.44
C ILE A 281 20.02 19.85 0.06
N SER A 282 19.15 20.60 0.69
CA SER A 282 19.02 20.56 2.19
C SER A 282 17.56 20.66 2.55
N SER A 283 17.15 19.98 3.60
CA SER A 283 15.75 20.07 4.01
C SER A 283 15.41 21.41 4.63
N PHE A 284 14.35 22.03 4.17
CA PHE A 284 13.80 23.32 4.60
C PHE A 284 12.33 23.12 4.90
N PRO A 285 11.76 24.05 5.72
CA PRO A 285 10.31 24.20 5.76
C PRO A 285 9.86 24.87 4.48
N VAL A 286 8.88 24.30 3.78
CA VAL A 286 8.40 24.85 2.54
C VAL A 286 6.88 24.76 2.48
N THR A 287 6.30 25.72 1.77
CA THR A 287 4.96 25.63 1.27
C THR A 287 4.99 25.35 -0.25
N THR A 288 3.91 24.76 -0.73
CA THR A 288 3.81 24.44 -2.12
C THR A 288 2.47 24.86 -2.73
N LYS A 289 2.57 25.15 -4.00
CA LYS A 289 1.41 25.50 -4.84
C LYS A 289 1.84 25.35 -6.30
N GLY A 290 0.94 24.80 -7.11
CA GLY A 290 1.14 24.69 -8.58
C GLY A 290 2.34 23.82 -8.94
N GLY A 291 2.76 22.89 -8.09
CA GLY A 291 4.00 22.14 -8.29
C GLY A 291 5.31 22.85 -7.97
N ASN A 292 5.19 24.01 -7.33
CA ASN A 292 6.33 24.77 -6.93
C ASN A 292 6.42 24.93 -5.42
N TRP A 293 7.63 24.90 -4.91
CA TRP A 293 7.88 25.11 -3.47
C TRP A 293 8.44 26.51 -3.19
N THR A 294 8.20 27.00 -1.98
CA THR A 294 8.83 28.23 -1.47
C THR A 294 9.26 27.98 -0.06
N ILE A 295 10.50 28.34 0.21
CA ILE A 295 11.04 28.19 1.57
C ILE A 295 10.29 29.16 2.47
N VAL A 296 9.89 28.71 3.61
CA VAL A 296 9.21 29.58 4.59
C VAL A 296 10.16 30.61 5.13
N SER A 297 9.77 31.90 5.00
CA SER A 297 10.64 33.03 5.35
C SER A 297 10.37 33.52 6.75
N GLY A 298 11.38 34.14 7.36
CA GLY A 298 11.13 34.86 8.61
C GLY A 298 11.23 34.14 9.91
N LEU A 299 11.53 32.85 9.92
CA LEU A 299 11.68 32.11 11.12
C LEU A 299 12.91 32.58 11.89
N GLU A 300 12.74 32.75 13.20
CA GLU A 300 13.86 33.09 14.06
C GLU A 300 14.52 31.84 14.46
N ILE A 301 15.79 31.74 14.19
CA ILE A 301 16.58 30.60 14.54
C ILE A 301 17.36 30.85 15.83
N ASP A 302 16.94 30.17 16.86
CA ASP A 302 17.55 30.31 18.19
C ASP A 302 18.92 29.64 18.18
N GLU A 303 19.74 29.90 19.18
CA GLU A 303 21.10 29.43 19.18
C GLU A 303 21.26 27.89 19.18
N PHE A 304 20.38 27.22 19.90
CA PHE A 304 20.43 25.77 19.92
C PHE A 304 20.16 25.21 18.50
N SER A 305 19.10 25.72 17.92
CA SER A 305 18.69 25.29 16.51
C SER A 305 19.81 25.59 15.57
N ARG A 306 20.40 26.79 15.68
CA ARG A 306 21.45 27.19 14.78
C ARG A 306 22.59 26.21 14.76
N GLY A 307 23.07 25.78 15.93
CA GLY A 307 24.10 24.82 15.96
C GLY A 307 23.83 23.44 15.33
N ARG A 308 22.64 22.96 15.62
CA ARG A 308 22.18 21.69 14.97
C ARG A 308 22.01 21.80 13.43
N ILE A 309 21.42 22.87 12.95
CA ILE A 309 21.34 23.11 11.48
C ILE A 309 22.72 23.09 10.88
N ASP A 310 23.65 23.87 11.46
CA ASP A 310 24.99 23.97 10.89
C ASP A 310 25.75 22.68 10.88
N LYS A 311 25.53 21.83 11.91
CA LYS A 311 26.15 20.52 11.92
C LYS A 311 25.70 19.67 10.73
N SER A 312 24.41 19.79 10.43
CA SER A 312 23.87 19.01 9.35
C SER A 312 24.31 19.54 7.98
N THR A 313 24.31 20.85 7.86
CA THR A 313 24.72 21.39 6.54
C THR A 313 26.20 21.18 6.30
N ALA A 314 26.97 21.15 7.40
CA ALA A 314 28.39 20.79 7.30
C ALA A 314 28.61 19.43 6.74
N GLU A 315 27.76 18.48 7.20
CA GLU A 315 27.80 17.16 6.65
C GLU A 315 27.48 17.11 5.12
N LEU A 316 26.40 17.85 4.77
CA LEU A 316 26.07 17.96 3.38
C LEU A 316 27.22 18.52 2.54
N ALA A 317 27.90 19.54 3.10
CA ALA A 317 29.04 20.14 2.34
C ALA A 317 30.12 19.13 2.15
N ASP A 318 30.36 18.33 3.17
CA ASP A 318 31.34 17.25 3.04
C ASP A 318 30.97 16.20 1.98
N GLU A 319 29.69 15.80 1.98
CA GLU A 319 29.21 14.90 0.96
C GLU A 319 29.33 15.49 -0.46
N ARG A 320 28.95 16.76 -0.60
CA ARG A 320 29.04 17.43 -1.89
C ARG A 320 30.52 17.45 -2.37
N SER A 321 31.43 17.69 -1.45
CA SER A 321 32.85 17.69 -1.83
C SER A 321 33.27 16.31 -2.33
N ALA A 322 32.82 15.26 -1.64
CA ALA A 322 33.21 13.93 -2.01
C ALA A 322 32.72 13.52 -3.41
N VAL A 323 31.44 13.87 -3.75
CA VAL A 323 30.95 13.54 -5.09
C VAL A 323 31.51 14.41 -6.20
N THR A 324 31.92 15.65 -5.85
CA THR A 324 32.68 16.49 -6.77
C THR A 324 34.06 15.83 -7.03
N GLU A 325 34.72 15.36 -6.00
CA GLU A 325 36.06 14.70 -6.18
C GLU A 325 35.92 13.41 -6.99
N LEU A 326 34.79 12.71 -6.84
CA LEU A 326 34.54 11.53 -7.69
C LEU A 326 34.13 11.81 -9.12
N GLY A 327 33.89 13.05 -9.49
CA GLY A 327 33.59 13.48 -10.81
C GLY A 327 32.12 13.23 -11.21
N LEU A 328 31.27 13.17 -10.20
CA LEU A 328 29.82 12.82 -10.46
C LEU A 328 28.98 14.04 -10.78
N ILE A 329 29.46 15.24 -10.44
CA ILE A 329 28.74 16.49 -10.55
C ILE A 329 28.94 17.18 -11.92
N ALA A 330 27.82 17.60 -12.55
CA ALA A 330 27.74 18.58 -13.69
C ALA A 330 27.62 18.01 -15.10
N SER B 4 -16.67 8.16 14.70
CA SER B 4 -16.22 7.13 15.68
C SER B 4 -15.39 6.07 14.93
N PRO B 5 -14.21 5.69 15.44
CA PRO B 5 -13.33 4.75 14.59
C PRO B 5 -13.97 3.38 14.40
N LEU B 6 -13.92 2.85 13.17
CA LEU B 6 -14.32 1.47 12.91
C LEU B 6 -13.23 0.53 13.41
N LYS B 7 -13.56 -0.39 14.29
CA LYS B 7 -12.64 -1.30 14.81
C LYS B 7 -12.50 -2.46 13.84
N VAL B 8 -11.27 -2.65 13.34
CA VAL B 8 -10.96 -3.64 12.34
C VAL B 8 -9.90 -4.55 12.85
N ALA B 9 -10.17 -5.84 12.91
CA ALA B 9 -9.19 -6.82 13.24
C ALA B 9 -8.58 -7.41 11.95
N VAL B 10 -7.29 -7.69 12.00
CA VAL B 10 -6.53 -8.33 10.94
C VAL B 10 -5.71 -9.41 11.58
N THR B 11 -5.87 -10.65 11.19
CA THR B 11 -5.01 -11.73 11.63
C THR B 11 -3.82 -11.97 10.66
N GLY B 12 -2.83 -12.76 11.04
CA GLY B 12 -1.62 -12.90 10.25
C GLY B 12 -0.96 -11.56 9.94
N ALA B 13 -1.05 -10.63 10.88
CA ALA B 13 -0.75 -9.21 10.58
C ALA B 13 0.70 -8.92 10.27
N ALA B 14 1.65 -9.81 10.62
CA ALA B 14 3.06 -9.61 10.25
C ALA B 14 3.46 -10.45 9.03
N GLY B 15 2.46 -11.06 8.36
CA GLY B 15 2.73 -11.75 7.14
C GLY B 15 2.78 -10.81 5.94
N GLN B 16 2.96 -11.42 4.76
CA GLN B 16 3.13 -10.62 3.56
C GLN B 16 1.84 -9.94 3.09
N ILE B 17 0.72 -10.65 3.09
CA ILE B 17 -0.60 -10.01 2.81
C ILE B 17 -0.82 -8.88 3.82
N GLY B 18 -0.63 -9.16 5.15
CA GLY B 18 -0.83 -8.10 6.10
C GLY B 18 -0.05 -6.88 5.83
N TYR B 19 1.23 -7.05 5.51
CA TYR B 19 2.13 -5.91 5.24
C TYR B 19 1.59 -5.02 4.12
N SER B 20 1.05 -5.68 3.10
CA SER B 20 0.46 -4.97 2.01
C SER B 20 -0.91 -4.41 2.30
N LEU B 21 -1.60 -4.92 3.31
CA LEU B 21 -2.95 -4.49 3.63
C LEU B 21 -3.08 -3.33 4.63
N LEU B 22 -2.28 -3.40 5.67
CA LEU B 22 -2.48 -2.52 6.80
C LEU B 22 -2.29 -1.04 6.45
N PHE B 23 -1.30 -0.72 5.59
CA PHE B 23 -1.08 0.66 5.23
C PHE B 23 -2.18 1.24 4.36
N ARG B 24 -2.69 0.44 3.46
CA ARG B 24 -3.86 0.86 2.70
C ARG B 24 -5.08 1.05 3.59
N LEU B 25 -5.36 0.17 4.49
CA LEU B 25 -6.47 0.35 5.43
C LEU B 25 -6.33 1.72 6.15
N ALA B 26 -5.14 1.95 6.69
CA ALA B 26 -4.90 3.11 7.54
C ALA B 26 -4.91 4.40 6.76
N SER B 27 -4.69 4.35 5.44
CA SER B 27 -4.60 5.48 4.57
C SER B 27 -5.97 5.87 4.02
N GLY B 28 -7.00 5.07 4.26
CA GLY B 28 -8.33 5.42 3.79
C GLY B 28 -8.99 4.53 2.79
N SER B 29 -8.31 3.42 2.42
CA SER B 29 -8.78 2.62 1.28
C SER B 29 -10.08 1.91 1.58
N LEU B 30 -10.41 1.67 2.85
CA LEU B 30 -11.58 0.89 3.19
C LEU B 30 -12.81 1.79 3.19
N LEU B 31 -12.79 2.85 3.98
CA LEU B 31 -13.96 3.72 4.14
C LEU B 31 -13.87 5.11 3.61
N GLY B 32 -12.75 5.48 3.02
CA GLY B 32 -12.59 6.76 2.49
C GLY B 32 -11.99 7.75 3.46
N PRO B 33 -11.87 9.01 2.98
CA PRO B 33 -10.92 9.91 3.61
C PRO B 33 -11.38 10.56 4.87
N ASP B 34 -12.60 10.34 5.30
CA ASP B 34 -13.16 10.96 6.52
C ASP B 34 -13.61 10.00 7.58
N ARG B 35 -13.26 8.74 7.47
CA ARG B 35 -13.71 7.73 8.42
C ARG B 35 -12.51 7.08 9.10
N PRO B 36 -12.26 7.40 10.37
CA PRO B 36 -11.14 6.75 11.04
C PRO B 36 -11.33 5.29 11.33
N ILE B 37 -10.21 4.63 11.54
CA ILE B 37 -10.15 3.23 11.80
C ILE B 37 -9.27 2.95 12.98
N GLU B 38 -9.61 1.97 13.77
CA GLU B 38 -8.70 1.43 14.76
C GLU B 38 -8.24 0.05 14.35
N LEU B 39 -6.93 -0.24 14.26
CA LEU B 39 -6.43 -1.56 13.89
C LEU B 39 -6.15 -2.42 15.07
N ARG B 40 -6.66 -3.65 15.01
CA ARG B 40 -6.42 -4.65 16.03
C ARG B 40 -5.78 -5.82 15.38
N LEU B 41 -4.55 -6.04 15.66
CA LEU B 41 -3.67 -6.94 14.94
C LEU B 41 -3.33 -8.20 15.70
N LEU B 42 -3.70 -9.33 15.14
CA LEU B 42 -3.38 -10.64 15.72
C LEU B 42 -2.24 -11.36 15.06
N GLU B 43 -1.32 -11.93 15.84
CA GLU B 43 -0.26 -12.80 15.36
C GLU B 43 -0.06 -13.93 16.35
N ILE B 44 0.65 -14.96 15.91
CA ILE B 44 1.18 -15.97 16.85
C ILE B 44 2.28 -15.35 17.69
N GLU B 45 2.52 -15.88 18.92
CA GLU B 45 3.54 -15.34 19.81
C GLU B 45 4.92 -15.19 19.19
N PRO B 46 5.39 -16.17 18.39
CA PRO B 46 6.73 -15.96 17.82
C PRO B 46 6.84 -14.87 16.76
N ALA B 47 5.69 -14.36 16.28
CA ALA B 47 5.70 -13.28 15.29
C ALA B 47 5.41 -11.91 15.89
N LEU B 48 5.22 -11.83 17.19
CA LEU B 48 4.93 -10.54 17.81
C LEU B 48 6.03 -9.50 17.76
N GLN B 49 7.29 -9.94 17.83
CA GLN B 49 8.42 -9.01 17.66
C GLN B 49 8.41 -8.34 16.28
N ALA B 50 8.17 -9.17 15.29
CA ALA B 50 8.05 -8.63 13.92
C ALA B 50 6.87 -7.70 13.80
N LEU B 51 5.74 -8.08 14.41
CA LEU B 51 4.58 -7.21 14.37
C LEU B 51 4.81 -5.87 15.05
N GLU B 52 5.61 -5.83 16.10
CA GLU B 52 6.01 -4.53 16.66
C GLU B 52 6.71 -3.64 15.66
N GLY B 53 7.56 -4.23 14.84
CA GLY B 53 8.27 -3.48 13.79
C GLY B 53 7.26 -2.94 12.75
N VAL B 54 6.23 -3.71 12.42
CA VAL B 54 5.21 -3.20 11.47
C VAL B 54 4.46 -2.03 12.07
N VAL B 55 4.14 -2.12 13.38
CA VAL B 55 3.46 -1.02 14.03
C VAL B 55 4.37 0.26 14.10
N MET B 56 5.65 0.07 14.27
CA MET B 56 6.60 1.24 14.23
C MET B 56 6.43 1.93 12.88
N GLU B 57 6.44 1.17 11.80
CA GLU B 57 6.25 1.78 10.47
C GLU B 57 4.89 2.39 10.30
N LEU B 58 3.78 1.77 10.80
CA LEU B 58 2.46 2.39 10.76
C LEU B 58 2.50 3.75 11.44
N ASP B 59 3.04 3.78 12.63
CA ASP B 59 3.15 5.06 13.34
C ASP B 59 3.94 6.10 12.60
N ASP B 60 4.98 5.68 11.95
CA ASP B 60 5.83 6.60 11.14
C ASP B 60 5.15 7.16 9.90
N CYS B 61 4.01 6.64 9.54
CA CYS B 61 3.26 7.19 8.42
C CYS B 61 2.45 8.45 8.80
N ALA B 62 2.29 8.66 10.12
CA ALA B 62 1.46 9.81 10.58
C ALA B 62 0.12 9.85 9.91
N PHE B 63 -0.56 8.69 9.91
CA PHE B 63 -1.84 8.58 9.21
C PHE B 63 -2.94 9.31 10.00
N PRO B 64 -3.57 10.32 9.40
CA PRO B 64 -4.65 11.00 10.16
C PRO B 64 -5.82 10.16 10.53
N LEU B 65 -6.09 9.08 9.76
CA LEU B 65 -7.25 8.24 10.02
C LEU B 65 -7.01 7.14 11.01
N LEU B 66 -5.78 6.88 11.40
CA LEU B 66 -5.46 5.77 12.24
C LEU B 66 -5.60 6.15 13.69
N SER B 67 -6.71 5.80 14.27
CA SER B 67 -7.02 6.26 15.66
C SER B 67 -6.20 5.57 16.68
N GLY B 68 -5.78 4.32 16.45
CA GLY B 68 -4.94 3.57 17.30
C GLY B 68 -4.65 2.19 16.81
N VAL B 69 -3.71 1.49 17.42
CA VAL B 69 -3.30 0.15 17.08
C VAL B 69 -3.10 -0.69 18.33
N GLU B 70 -3.71 -1.89 18.41
CA GLU B 70 -3.47 -2.85 19.48
C GLU B 70 -2.96 -4.11 18.82
N ILE B 71 -2.00 -4.78 19.40
CA ILE B 71 -1.44 -6.01 18.91
C ILE B 71 -1.50 -7.07 19.98
N GLY B 72 -1.54 -8.33 19.58
CA GLY B 72 -1.51 -9.39 20.55
C GLY B 72 -1.63 -10.76 19.95
N SER B 73 -1.59 -11.79 20.79
CA SER B 73 -1.77 -13.18 20.28
C SER B 73 -3.04 -13.83 20.78
N ASP B 74 -3.87 -13.09 21.49
CA ASP B 74 -5.12 -13.68 22.03
C ASP B 74 -6.30 -13.14 21.25
N PRO B 75 -6.98 -13.98 20.45
CA PRO B 75 -8.12 -13.48 19.73
C PRO B 75 -9.26 -12.90 20.51
N GLN B 76 -9.50 -13.39 21.76
CA GLN B 76 -10.50 -12.75 22.55
C GLN B 76 -10.21 -11.33 23.02
N LYS B 77 -8.94 -10.95 23.05
CA LYS B 77 -8.58 -9.55 23.27
C LYS B 77 -8.66 -8.74 21.96
N ILE B 78 -8.01 -9.28 20.95
CA ILE B 78 -7.91 -8.50 19.67
C ILE B 78 -9.25 -8.31 19.02
N PHE B 79 -10.13 -9.34 19.07
CA PHE B 79 -11.42 -9.20 18.42
C PHE B 79 -12.49 -8.43 19.24
N ASP B 80 -12.15 -8.04 20.47
CA ASP B 80 -13.14 -7.36 21.32
C ASP B 80 -13.71 -6.11 20.73
N GLY B 81 -15.01 -6.10 20.47
CA GLY B 81 -15.70 -4.99 19.90
C GLY B 81 -15.53 -4.68 18.39
N VAL B 82 -14.90 -5.60 17.70
CA VAL B 82 -14.58 -5.32 16.28
C VAL B 82 -15.81 -5.41 15.45
N SER B 83 -15.86 -4.58 14.45
CA SER B 83 -16.93 -4.54 13.49
C SER B 83 -16.57 -5.13 12.10
N LEU B 84 -15.28 -5.30 11.87
CA LEU B 84 -14.80 -6.01 10.64
C LEU B 84 -13.68 -6.85 11.02
N ALA B 85 -13.74 -8.11 10.71
CA ALA B 85 -12.66 -9.02 11.04
C ALA B 85 -12.15 -9.63 9.76
N LEU B 86 -10.89 -9.35 9.46
CA LEU B 86 -10.24 -9.85 8.22
C LEU B 86 -9.33 -10.99 8.62
N LEU B 87 -9.80 -12.20 8.35
CA LEU B 87 -9.10 -13.39 8.78
C LEU B 87 -8.17 -13.83 7.66
N VAL B 88 -6.98 -13.24 7.67
CA VAL B 88 -5.96 -13.40 6.65
C VAL B 88 -5.02 -14.53 6.96
N GLY B 89 -4.65 -14.66 8.27
CA GLY B 89 -3.65 -15.60 8.65
C GLY B 89 -4.13 -17.05 8.59
N ALA B 90 -3.29 -17.88 8.07
CA ALA B 90 -3.58 -19.32 7.99
C ALA B 90 -2.32 -20.06 7.79
N ARG B 91 -2.40 -21.39 7.99
CA ARG B 91 -1.26 -22.26 7.72
C ARG B 91 -1.11 -22.46 6.23
N PRO B 92 0.06 -22.17 5.68
CA PRO B 92 0.27 -22.30 4.24
C PRO B 92 0.44 -23.74 3.74
N LEU B 102 -3.87 -29.81 5.38
CA LEU B 102 -4.18 -28.35 5.17
C LEU B 102 -5.54 -27.98 5.75
N LEU B 103 -6.56 -28.74 5.35
CA LEU B 103 -7.86 -28.57 5.97
C LEU B 103 -7.81 -28.73 7.49
N GLU B 104 -7.07 -29.72 8.03
CA GLU B 104 -7.14 -29.94 9.50
C GLU B 104 -6.38 -28.91 10.31
N ALA B 105 -5.21 -28.58 9.80
CA ALA B 105 -4.36 -27.59 10.49
C ALA B 105 -5.14 -26.23 10.64
N ASN B 106 -5.69 -25.77 9.52
CA ASN B 106 -6.48 -24.56 9.58
C ASN B 106 -7.77 -24.65 10.32
N GLY B 107 -8.29 -25.88 10.40
CA GLY B 107 -9.46 -26.12 11.22
C GLY B 107 -9.37 -25.64 12.65
N ALA B 108 -8.28 -25.94 13.33
CA ALA B 108 -8.15 -25.47 14.69
C ALA B 108 -8.08 -23.97 14.78
N ILE B 109 -7.39 -23.32 13.81
CA ILE B 109 -7.27 -21.86 13.80
C ILE B 109 -8.61 -21.23 13.70
N PHE B 110 -9.41 -21.66 12.68
CA PHE B 110 -10.70 -21.10 12.44
C PHE B 110 -11.80 -21.47 13.44
N THR B 111 -11.67 -22.66 14.05
CA THR B 111 -12.57 -23.00 15.15
C THR B 111 -12.34 -22.01 16.32
N ALA B 112 -11.05 -21.81 16.64
CA ALA B 112 -10.70 -20.90 17.75
C ALA B 112 -11.09 -19.48 17.43
N GLN B 113 -10.84 -19.06 16.17
CA GLN B 113 -11.26 -17.72 15.84
C GLN B 113 -12.75 -17.43 15.74
N GLY B 114 -13.54 -18.40 15.19
CA GLY B 114 -14.99 -18.29 15.23
C GLY B 114 -15.55 -18.21 16.67
N LYS B 115 -14.98 -19.05 17.56
CA LYS B 115 -15.43 -19.03 18.98
C LYS B 115 -15.12 -17.70 19.63
N ALA B 116 -13.93 -17.13 19.31
CA ALA B 116 -13.63 -15.81 19.86
C ALA B 116 -14.50 -14.71 19.38
N LEU B 117 -14.73 -14.64 18.04
CA LEU B 117 -15.62 -13.73 17.53
C LEU B 117 -17.01 -13.79 18.19
N ASN B 118 -17.50 -15.02 18.28
CA ASN B 118 -18.84 -15.26 18.86
C ASN B 118 -18.94 -14.62 20.27
N ALA B 119 -17.87 -14.75 21.02
CA ALA B 119 -17.79 -14.27 22.42
C ALA B 119 -17.69 -12.78 22.55
N VAL B 120 -16.88 -12.08 21.70
CA VAL B 120 -16.49 -10.70 21.97
C VAL B 120 -16.66 -9.70 20.84
N ALA B 121 -16.94 -10.14 19.58
CA ALA B 121 -17.07 -9.16 18.51
C ALA B 121 -18.26 -8.24 18.67
N ALA B 122 -18.27 -7.10 18.01
CA ALA B 122 -19.42 -6.19 17.96
C ALA B 122 -20.66 -6.88 17.35
N ASP B 123 -21.85 -6.44 17.74
CA ASP B 123 -23.07 -7.02 17.17
C ASP B 123 -23.08 -6.92 15.63
N ASP B 124 -22.47 -5.85 15.09
CA ASP B 124 -22.56 -5.53 13.67
C ASP B 124 -21.38 -6.15 12.89
N VAL B 125 -20.66 -7.04 13.50
CA VAL B 125 -19.46 -7.60 12.85
C VAL B 125 -19.77 -8.22 11.47
N ARG B 126 -18.87 -7.95 10.50
CA ARG B 126 -18.76 -8.73 9.25
C ARG B 126 -17.36 -9.38 9.27
N VAL B 127 -17.29 -10.64 8.81
CA VAL B 127 -16.13 -11.45 8.91
C VAL B 127 -15.73 -11.93 7.48
N GLY B 128 -14.56 -11.47 7.02
CA GLY B 128 -14.04 -11.87 5.71
C GLY B 128 -12.90 -12.78 5.82
N VAL B 129 -12.93 -13.94 5.24
CA VAL B 129 -11.84 -14.89 5.32
C VAL B 129 -10.98 -14.90 4.04
N THR B 130 -9.71 -14.49 4.13
CA THR B 130 -8.75 -14.49 2.97
C THR B 130 -7.87 -15.74 3.07
N GLY B 131 -7.52 -16.20 4.30
CA GLY B 131 -6.62 -17.34 4.47
C GLY B 131 -7.13 -18.65 3.96
N ASN B 132 -6.29 -19.36 3.21
CA ASN B 132 -6.68 -20.61 2.58
C ASN B 132 -6.64 -21.85 3.43
N PRO B 133 -7.50 -22.87 3.14
CA PRO B 133 -8.61 -22.88 2.11
C PRO B 133 -9.82 -22.12 2.50
N ALA B 134 -10.07 -21.03 1.76
CA ALA B 134 -10.85 -19.99 2.30
C ALA B 134 -12.31 -20.33 2.57
N ASN B 135 -12.97 -21.02 1.60
CA ASN B 135 -14.38 -21.31 1.75
C ASN B 135 -14.59 -22.20 3.00
N THR B 136 -13.79 -23.23 3.10
CA THR B 136 -13.98 -24.20 4.21
C THR B 136 -13.53 -23.61 5.56
N ASN B 137 -12.51 -22.78 5.58
CA ASN B 137 -12.18 -22.01 6.81
C ASN B 137 -13.32 -21.13 7.24
N ALA B 138 -13.94 -20.41 6.30
CA ALA B 138 -15.10 -19.61 6.60
C ALA B 138 -16.27 -20.45 7.13
N LEU B 139 -16.44 -21.62 6.53
CA LEU B 139 -17.55 -22.49 7.01
C LEU B 139 -17.31 -22.89 8.44
N ILE B 140 -16.10 -23.29 8.72
CA ILE B 140 -15.68 -23.65 10.15
C ILE B 140 -15.88 -22.48 11.10
N ALA B 141 -15.37 -21.28 10.77
CA ALA B 141 -15.60 -20.13 11.59
C ALA B 141 -17.10 -19.82 11.84
N MET B 142 -17.92 -19.84 10.80
CA MET B 142 -19.31 -19.51 10.88
C MET B 142 -20.01 -20.55 11.83
N THR B 143 -19.67 -21.80 11.62
CA THR B 143 -20.33 -22.91 12.38
C THR B 143 -20.00 -22.73 13.88
N ASN B 144 -18.82 -22.21 14.18
CA ASN B 144 -18.40 -21.96 15.55
C ASN B 144 -18.86 -20.66 16.15
N ALA B 145 -19.71 -19.93 15.46
CA ALA B 145 -20.23 -18.69 15.92
C ALA B 145 -21.74 -18.64 15.80
N PRO B 146 -22.42 -19.47 16.62
CA PRO B 146 -23.85 -19.60 16.52
C PRO B 146 -24.64 -18.40 16.91
N ASP B 147 -24.06 -17.44 17.66
CA ASP B 147 -24.73 -16.20 17.99
C ASP B 147 -24.48 -15.02 17.05
N ILE B 148 -23.73 -15.28 15.96
CA ILE B 148 -23.57 -14.28 14.90
C ILE B 148 -24.32 -14.77 13.64
N PRO B 149 -25.14 -13.89 13.08
CA PRO B 149 -25.87 -14.39 11.89
C PRO B 149 -24.96 -15.01 10.82
N ARG B 150 -25.39 -16.12 10.23
CA ARG B 150 -24.57 -16.83 9.25
C ARG B 150 -24.17 -15.95 8.09
N GLU B 151 -25.00 -15.00 7.73
CA GLU B 151 -24.71 -14.12 6.55
C GLU B 151 -23.54 -13.17 6.81
N ARG B 152 -23.09 -13.10 8.03
CA ARG B 152 -21.92 -12.22 8.33
C ARG B 152 -20.60 -12.81 7.92
N PHE B 153 -20.56 -14.05 7.44
CA PHE B 153 -19.32 -14.76 7.14
C PHE B 153 -19.14 -14.85 5.61
N SER B 154 -17.96 -14.49 5.13
CA SER B 154 -17.70 -14.63 3.67
C SER B 154 -16.26 -15.06 3.46
N ALA B 155 -16.03 -15.88 2.46
CA ALA B 155 -14.69 -16.19 2.02
C ALA B 155 -14.41 -15.36 0.77
N LEU B 156 -13.12 -15.00 0.59
CA LEU B 156 -12.67 -14.14 -0.55
C LEU B 156 -12.46 -14.83 -1.82
N THR B 157 -13.31 -14.54 -2.76
CA THR B 157 -13.11 -14.88 -4.13
C THR B 157 -12.90 -13.61 -4.95
N ARG B 158 -12.79 -12.46 -4.31
CA ARG B 158 -12.56 -11.21 -5.06
C ARG B 158 -11.21 -11.20 -5.79
N LEU B 159 -10.20 -11.88 -5.31
CA LEU B 159 -8.96 -11.93 -6.06
C LEU B 159 -9.13 -12.71 -7.39
N ASP B 160 -9.85 -13.81 -7.32
CA ASP B 160 -10.19 -14.52 -8.59
C ASP B 160 -10.99 -13.67 -9.52
N HIS B 161 -11.96 -12.92 -8.93
CA HIS B 161 -12.83 -12.05 -9.67
C HIS B 161 -11.99 -10.99 -10.39
N ASN B 162 -11.13 -10.32 -9.68
CA ASN B 162 -10.31 -9.27 -10.26
C ASN B 162 -9.35 -9.84 -11.24
N ARG B 163 -8.82 -11.03 -11.03
CA ARG B 163 -7.93 -11.68 -12.00
C ARG B 163 -8.69 -11.96 -13.29
N ALA B 164 -9.92 -12.39 -13.15
CA ALA B 164 -10.78 -12.59 -14.34
C ALA B 164 -11.04 -11.35 -15.11
N ILE B 165 -11.32 -10.25 -14.43
CA ILE B 165 -11.53 -8.96 -15.03
C ILE B 165 -10.25 -8.62 -15.80
N SER B 166 -9.11 -8.82 -15.19
CA SER B 166 -7.79 -8.51 -15.78
C SER B 166 -7.61 -9.29 -17.08
N GLN B 167 -7.96 -10.58 -17.07
CA GLN B 167 -7.80 -11.41 -18.32
C GLN B 167 -8.77 -10.97 -19.34
N LEU B 168 -9.97 -10.63 -18.97
CA LEU B 168 -10.97 -10.29 -19.95
C LEU B 168 -10.66 -8.91 -20.59
N ALA B 169 -10.15 -8.00 -19.79
CA ALA B 169 -9.73 -6.67 -20.30
C ALA B 169 -8.57 -6.81 -21.27
N ALA B 170 -7.61 -7.66 -20.97
CA ALA B 170 -6.45 -7.88 -21.87
C ALA B 170 -6.93 -8.49 -23.19
N LYS B 171 -7.85 -9.44 -23.11
CA LYS B 171 -8.33 -10.11 -24.33
C LYS B 171 -9.12 -9.21 -25.24
N THR B 172 -9.93 -8.37 -24.69
CA THR B 172 -10.86 -7.52 -25.44
C THR B 172 -10.30 -6.11 -25.76
N GLY B 173 -9.22 -5.71 -25.06
CA GLY B 173 -8.70 -4.34 -25.12
C GLY B 173 -9.56 -3.33 -24.45
N ALA B 174 -10.53 -3.74 -23.63
CA ALA B 174 -11.40 -2.80 -23.00
C ALA B 174 -10.72 -2.25 -21.73
N ALA B 175 -11.22 -1.15 -21.25
CA ALA B 175 -10.71 -0.57 -19.97
C ALA B 175 -11.38 -1.41 -18.88
N VAL B 176 -10.70 -1.58 -17.73
CA VAL B 176 -11.34 -2.33 -16.68
C VAL B 176 -12.65 -1.73 -16.23
N THR B 177 -12.81 -0.40 -16.33
CA THR B 177 -14.05 0.23 -15.98
C THR B 177 -15.21 -0.16 -16.95
N ASP B 178 -14.88 -0.68 -18.10
CA ASP B 178 -15.90 -1.12 -19.11
C ASP B 178 -16.37 -2.55 -18.74
N ILE B 179 -15.72 -3.26 -17.81
CA ILE B 179 -16.05 -4.67 -17.50
C ILE B 179 -16.96 -4.68 -16.26
N LYS B 180 -18.14 -5.30 -16.40
CA LYS B 180 -19.12 -5.39 -15.34
C LYS B 180 -19.66 -6.81 -15.25
N LYS B 181 -20.17 -7.11 -14.09
CA LYS B 181 -20.96 -8.33 -13.85
C LYS B 181 -20.13 -9.57 -14.08
N MET B 182 -18.87 -9.53 -13.66
CA MET B 182 -18.04 -10.73 -13.60
C MET B 182 -18.56 -11.58 -12.43
N THR B 183 -18.48 -12.90 -12.62
CA THR B 183 -18.83 -13.81 -11.55
C THR B 183 -17.81 -14.93 -11.40
N ILE B 184 -17.42 -15.23 -10.16
CA ILE B 184 -16.72 -16.44 -9.89
C ILE B 184 -17.71 -17.31 -9.08
N TRP B 185 -17.88 -18.53 -9.53
CA TRP B 185 -18.75 -19.49 -8.81
C TRP B 185 -17.94 -20.53 -8.11
N GLY B 186 -18.42 -20.90 -6.91
CA GLY B 186 -17.88 -22.07 -6.24
C GLY B 186 -16.75 -21.83 -5.26
N ASN B 187 -15.75 -22.69 -5.38
CA ASN B 187 -14.63 -22.69 -4.45
C ASN B 187 -13.51 -21.76 -4.90
N HIS B 188 -12.82 -21.19 -3.94
CA HIS B 188 -11.56 -20.51 -4.19
C HIS B 188 -10.44 -21.57 -4.33
N SER B 189 -10.36 -22.16 -5.48
CA SER B 189 -9.50 -23.32 -5.76
C SER B 189 -9.40 -23.48 -7.25
N ALA B 190 -8.69 -24.51 -7.66
CA ALA B 190 -8.57 -24.79 -9.06
C ALA B 190 -9.84 -25.20 -9.74
N THR B 191 -10.87 -25.51 -8.98
CA THR B 191 -12.21 -25.79 -9.56
C THR B 191 -13.10 -24.57 -9.70
N GLN B 192 -12.63 -23.39 -9.36
CA GLN B 192 -13.45 -22.19 -9.52
C GLN B 192 -13.94 -22.06 -10.93
N TYR B 193 -15.13 -21.46 -11.05
CA TYR B 193 -15.67 -21.20 -12.34
C TYR B 193 -15.88 -19.70 -12.58
N PRO B 194 -15.00 -19.10 -13.44
CA PRO B 194 -15.20 -17.74 -13.84
C PRO B 194 -16.17 -17.66 -15.01
N ASP B 195 -17.26 -16.93 -14.85
CA ASP B 195 -18.42 -17.01 -15.77
C ASP B 195 -18.47 -15.73 -16.60
N LEU B 196 -18.12 -15.88 -17.85
CA LEU B 196 -18.27 -14.77 -18.87
C LEU B 196 -19.64 -14.64 -19.44
N PHE B 197 -20.50 -15.65 -19.25
CA PHE B 197 -21.79 -15.65 -19.95
C PHE B 197 -22.75 -14.65 -19.35
N HIS B 198 -22.50 -14.08 -18.13
CA HIS B 198 -23.28 -13.05 -17.59
C HIS B 198 -22.55 -11.70 -17.43
N ALA B 199 -21.30 -11.70 -17.86
CA ALA B 199 -20.47 -10.50 -17.75
C ALA B 199 -20.70 -9.61 -18.99
N GLU B 200 -20.33 -8.34 -18.87
CA GLU B 200 -20.56 -7.36 -19.94
C GLU B 200 -19.33 -6.57 -20.15
N VAL B 201 -18.99 -6.36 -21.41
CA VAL B 201 -17.87 -5.50 -21.81
C VAL B 201 -18.50 -4.29 -22.52
N ALA B 202 -18.52 -3.11 -21.85
CA ALA B 202 -19.25 -1.92 -22.33
C ALA B 202 -20.69 -2.25 -22.81
N GLY B 203 -21.43 -2.96 -21.97
CA GLY B 203 -22.84 -3.26 -22.22
C GLY B 203 -23.11 -4.55 -22.97
N LYS B 204 -22.06 -5.06 -23.65
CA LYS B 204 -22.27 -6.13 -24.56
C LYS B 204 -21.87 -7.42 -23.87
N ASN B 205 -22.60 -8.51 -24.11
CA ASN B 205 -22.33 -9.76 -23.46
C ASN B 205 -20.96 -10.28 -23.68
N ALA B 206 -20.22 -10.55 -22.60
CA ALA B 206 -18.83 -10.88 -22.71
C ALA B 206 -18.52 -12.08 -23.51
N ALA B 207 -19.32 -13.15 -23.37
CA ALA B 207 -19.07 -14.35 -24.10
C ALA B 207 -19.33 -14.10 -25.62
N GLU B 208 -20.31 -13.28 -25.96
CA GLU B 208 -20.53 -12.89 -27.39
C GLU B 208 -19.40 -12.03 -27.92
N VAL B 209 -18.85 -11.13 -27.08
CA VAL B 209 -17.71 -10.32 -27.48
C VAL B 209 -16.51 -11.20 -27.80
N VAL B 210 -16.18 -12.13 -26.90
CA VAL B 210 -15.03 -12.97 -27.13
C VAL B 210 -15.30 -13.95 -28.29
N ASN B 211 -16.52 -14.47 -28.37
CA ASN B 211 -16.91 -15.41 -29.41
C ASN B 211 -15.92 -16.52 -29.68
N ASP B 212 -15.58 -17.26 -28.67
CA ASP B 212 -14.53 -18.24 -28.78
C ASP B 212 -14.49 -19.16 -27.60
N GLN B 213 -15.23 -20.24 -27.71
CA GLN B 213 -15.41 -21.14 -26.60
C GLN B 213 -14.19 -21.87 -26.26
N ALA B 214 -13.35 -22.20 -27.26
CA ALA B 214 -12.14 -22.86 -26.98
C ALA B 214 -11.20 -21.94 -26.15
N TRP B 215 -11.22 -20.65 -26.44
CA TRP B 215 -10.39 -19.69 -25.68
C TRP B 215 -10.86 -19.68 -24.19
N ILE B 216 -12.19 -19.65 -24.02
CA ILE B 216 -12.77 -19.73 -22.62
C ILE B 216 -12.21 -20.94 -21.91
N GLU B 217 -12.33 -22.15 -22.48
CA GLU B 217 -11.98 -23.36 -21.75
C GLU B 217 -10.52 -23.69 -21.61
N ASP B 218 -9.79 -23.37 -22.69
CA ASP B 218 -8.43 -23.75 -22.78
C ASP B 218 -7.47 -22.64 -22.29
N GLU B 219 -7.91 -21.40 -22.28
CA GLU B 219 -7.01 -20.31 -21.92
C GLU B 219 -7.53 -19.50 -20.74
N PHE B 220 -8.71 -18.89 -20.89
CA PHE B 220 -9.27 -18.00 -19.86
C PHE B 220 -9.41 -18.66 -18.50
N ILE B 221 -10.12 -19.79 -18.45
CA ILE B 221 -10.35 -20.40 -17.13
C ILE B 221 -9.10 -20.93 -16.47
N PRO B 222 -8.24 -21.67 -17.18
CA PRO B 222 -7.06 -22.14 -16.50
C PRO B 222 -6.08 -20.99 -16.13
N THR B 223 -6.02 -19.95 -16.96
CA THR B 223 -5.10 -18.80 -16.65
C THR B 223 -5.56 -18.17 -15.33
N VAL B 224 -6.87 -17.99 -15.18
CA VAL B 224 -7.39 -17.43 -13.88
C VAL B 224 -7.07 -18.36 -12.71
N ALA B 225 -7.40 -19.66 -12.94
CA ALA B 225 -7.24 -20.62 -11.85
C ALA B 225 -5.79 -20.77 -11.42
N LYS B 226 -4.82 -20.65 -12.32
CA LYS B 226 -3.44 -20.87 -12.03
C LYS B 226 -2.60 -19.62 -11.88
N ARG B 227 -3.31 -18.48 -11.73
CA ARG B 227 -2.58 -17.23 -11.72
C ARG B 227 -1.62 -17.07 -10.55
N GLY B 228 -1.96 -17.56 -9.38
CA GLY B 228 -1.12 -17.43 -8.23
C GLY B 228 0.26 -18.09 -8.43
N ALA B 229 0.21 -19.22 -9.16
CA ALA B 229 1.43 -19.91 -9.43
C ALA B 229 2.27 -19.17 -10.46
N ALA B 230 1.60 -18.51 -11.42
CA ALA B 230 2.33 -17.69 -12.37
C ALA B 230 3.03 -16.54 -11.73
N ILE B 231 2.41 -15.94 -10.72
CA ILE B 231 3.11 -14.83 -10.00
C ILE B 231 4.33 -15.32 -9.25
N ILE B 232 4.19 -16.44 -8.57
CA ILE B 232 5.30 -17.05 -7.87
C ILE B 232 6.47 -17.38 -8.82
N ASP B 233 6.13 -17.88 -9.98
CA ASP B 233 7.17 -18.18 -10.98
C ASP B 233 7.90 -16.97 -11.40
N ALA B 234 7.17 -15.84 -11.56
CA ALA B 234 7.79 -14.63 -11.96
C ALA B 234 8.60 -13.93 -10.87
N ARG B 235 8.00 -13.76 -9.69
CA ARG B 235 8.58 -12.90 -8.62
C ARG B 235 9.34 -13.67 -7.58
N GLY B 236 9.14 -14.97 -7.53
CA GLY B 236 9.73 -15.75 -6.46
C GLY B 236 9.04 -15.59 -5.15
N ALA B 237 7.82 -15.04 -5.16
CA ALA B 237 7.06 -14.83 -3.89
C ALA B 237 5.62 -14.67 -4.29
N SER B 238 4.74 -14.96 -3.36
CA SER B 238 3.31 -15.01 -3.61
C SER B 238 2.71 -13.63 -3.77
N SER B 239 1.48 -13.67 -4.30
CA SER B 239 0.78 -12.49 -4.71
C SER B 239 0.11 -11.62 -3.58
N ALA B 240 0.91 -11.08 -2.70
CA ALA B 240 0.47 -10.45 -1.47
C ALA B 240 -0.21 -9.14 -1.73
N ALA B 241 0.39 -8.29 -2.55
CA ALA B 241 -0.24 -6.98 -2.77
C ALA B 241 -1.60 -7.09 -3.47
N SER B 242 -1.69 -7.97 -4.46
CA SER B 242 -3.00 -8.11 -5.13
C SER B 242 -4.02 -8.83 -4.30
N ALA B 243 -3.59 -9.71 -3.42
CA ALA B 243 -4.50 -10.34 -2.42
C ALA B 243 -5.00 -9.32 -1.42
N ALA B 244 -4.11 -8.47 -0.92
CA ALA B 244 -4.51 -7.37 -0.08
C ALA B 244 -5.51 -6.45 -0.72
N SER B 245 -5.23 -6.13 -1.99
CA SER B 245 -6.11 -5.24 -2.72
C SER B 245 -7.51 -5.83 -2.83
N ALA B 246 -7.59 -7.08 -3.16
CA ALA B 246 -8.88 -7.81 -3.27
C ALA B 246 -9.59 -7.85 -1.96
N THR B 247 -8.85 -8.05 -0.88
CA THR B 247 -9.42 -8.08 0.49
C THR B 247 -10.08 -6.75 0.79
N ILE B 248 -9.39 -5.64 0.45
CA ILE B 248 -9.95 -4.31 0.66
C ILE B 248 -11.19 -4.11 -0.19
N ASP B 249 -11.07 -4.47 -1.49
CA ASP B 249 -12.19 -4.26 -2.41
C ASP B 249 -13.42 -4.99 -1.86
N ALA B 250 -13.27 -6.25 -1.48
CA ALA B 250 -14.40 -7.01 -1.04
C ALA B 250 -15.03 -6.44 0.21
N ALA B 251 -14.20 -6.05 1.19
CA ALA B 251 -14.67 -5.50 2.48
C ALA B 251 -15.33 -4.15 2.25
N ARG B 252 -14.72 -3.30 1.43
CA ARG B 252 -15.31 -2.01 1.08
C ARG B 252 -16.65 -2.13 0.41
N ASP B 253 -16.75 -3.03 -0.58
CA ASP B 253 -18.02 -3.19 -1.25
C ASP B 253 -19.06 -3.81 -0.31
N TRP B 254 -18.65 -4.69 0.59
CA TRP B 254 -19.56 -5.26 1.57
C TRP B 254 -20.18 -4.18 2.48
N LEU B 255 -19.32 -3.31 2.99
CA LEU B 255 -19.77 -2.24 3.88
C LEU B 255 -20.40 -1.05 3.24
N LEU B 256 -19.94 -0.61 2.09
CA LEU B 256 -20.43 0.60 1.48
C LEU B 256 -21.38 0.42 0.34
N GLY B 257 -21.47 -0.80 -0.18
CA GLY B 257 -22.35 -1.12 -1.28
C GLY B 257 -21.76 -1.21 -2.65
N THR B 258 -22.36 -2.04 -3.51
CA THR B 258 -21.94 -2.20 -4.88
C THR B 258 -22.53 -1.11 -5.77
N PRO B 259 -21.86 -0.79 -6.90
CA PRO B 259 -22.47 0.16 -7.88
C PRO B 259 -23.80 -0.32 -8.47
N ALA B 260 -24.74 0.58 -8.83
CA ALA B 260 -26.10 0.15 -9.22
C ALA B 260 -26.15 -0.69 -10.50
N ASP B 261 -25.15 -0.59 -11.32
CA ASP B 261 -25.18 -1.33 -12.59
C ASP B 261 -24.23 -2.57 -12.61
N ASP B 262 -23.88 -3.07 -11.41
CA ASP B 262 -22.77 -4.06 -11.32
C ASP B 262 -23.06 -5.01 -10.17
N TRP B 263 -22.25 -6.08 -10.14
CA TRP B 263 -22.26 -6.97 -8.98
C TRP B 263 -20.84 -7.46 -8.77
N VAL B 264 -20.64 -8.09 -7.65
CA VAL B 264 -19.30 -8.66 -7.28
C VAL B 264 -19.41 -10.12 -6.93
N SER B 265 -18.29 -10.80 -6.75
CA SER B 265 -18.30 -12.17 -6.25
C SER B 265 -17.95 -12.21 -4.75
N MET B 266 -18.70 -12.97 -4.00
CA MET B 266 -18.42 -13.24 -2.62
C MET B 266 -18.81 -14.69 -2.37
N ALA B 267 -17.98 -15.41 -1.63
CA ALA B 267 -18.38 -16.74 -1.12
C ALA B 267 -19.11 -16.62 0.19
N VAL B 268 -20.39 -16.99 0.16
CA VAL B 268 -21.28 -16.79 1.29
C VAL B 268 -22.11 -18.06 1.44
N VAL B 269 -22.85 -18.15 2.55
CA VAL B 269 -23.65 -19.35 2.81
C VAL B 269 -24.77 -19.51 1.80
N SER B 270 -24.84 -20.69 1.25
CA SER B 270 -25.88 -21.05 0.29
C SER B 270 -27.26 -21.41 0.91
N ASP B 271 -28.28 -20.80 0.33
CA ASP B 271 -29.65 -21.22 0.65
C ASP B 271 -30.21 -22.20 -0.40
N GLY B 272 -29.38 -22.75 -1.25
CA GLY B 272 -29.86 -23.61 -2.39
C GLY B 272 -29.89 -22.91 -3.71
N SER B 273 -29.64 -21.60 -3.72
CA SER B 273 -29.77 -20.84 -4.91
C SER B 273 -28.87 -21.42 -6.00
N TYR B 274 -29.33 -21.43 -7.24
CA TYR B 274 -28.57 -21.95 -8.39
C TYR B 274 -28.10 -23.35 -8.21
N GLY B 275 -28.81 -24.11 -7.35
CA GLY B 275 -28.44 -25.47 -7.20
C GLY B 275 -27.20 -25.76 -6.43
N VAL B 276 -26.78 -24.78 -5.65
CA VAL B 276 -25.65 -24.93 -4.80
C VAL B 276 -26.13 -25.51 -3.45
N PRO B 277 -25.57 -26.66 -3.04
CA PRO B 277 -26.02 -27.30 -1.77
C PRO B 277 -26.12 -26.37 -0.59
N GLU B 278 -27.21 -26.44 0.15
CA GLU B 278 -27.43 -25.57 1.24
C GLU B 278 -26.38 -25.74 2.30
N GLY B 279 -25.96 -24.58 2.82
CA GLY B 279 -25.05 -24.55 3.93
C GLY B 279 -23.57 -24.46 3.52
N LEU B 280 -23.25 -24.70 2.24
CA LEU B 280 -21.85 -24.51 1.77
C LEU B 280 -21.57 -23.00 1.70
N ILE B 281 -20.33 -22.64 2.04
CA ILE B 281 -19.79 -21.31 1.71
C ILE B 281 -19.25 -21.42 0.27
N SER B 282 -19.95 -20.70 -0.60
CA SER B 282 -19.73 -20.84 -2.07
C SER B 282 -19.82 -19.49 -2.73
N SER B 283 -18.96 -19.25 -3.76
CA SER B 283 -18.96 -17.98 -4.39
C SER B 283 -20.14 -17.77 -5.32
N PHE B 284 -20.87 -16.68 -5.12
CA PHE B 284 -22.06 -16.29 -5.85
C PHE B 284 -21.86 -14.88 -6.39
N PRO B 285 -22.53 -14.54 -7.49
CA PRO B 285 -22.73 -13.11 -7.83
C PRO B 285 -23.62 -12.47 -6.77
N VAL B 286 -23.21 -11.33 -6.19
CA VAL B 286 -23.96 -10.67 -5.19
C VAL B 286 -23.97 -9.16 -5.37
N THR B 287 -25.06 -8.52 -4.90
CA THR B 287 -25.05 -7.10 -4.69
C THR B 287 -25.04 -6.87 -3.19
N THR B 288 -24.58 -5.67 -2.77
CA THR B 288 -24.55 -5.32 -1.37
C THR B 288 -25.14 -3.92 -1.10
N LYS B 289 -25.73 -3.85 0.07
CA LYS B 289 -26.38 -2.64 0.60
C LYS B 289 -26.53 -2.80 2.07
N GLY B 290 -26.23 -1.71 2.76
CA GLY B 290 -26.39 -1.70 4.22
C GLY B 290 -25.53 -2.68 4.97
N GLY B 291 -24.40 -3.12 4.41
CA GLY B 291 -23.60 -4.23 4.97
C GLY B 291 -24.13 -5.68 4.78
N ASN B 292 -25.13 -5.78 3.93
CA ASN B 292 -25.75 -7.06 3.61
C ASN B 292 -25.67 -7.36 2.15
N TRP B 293 -25.37 -8.63 1.86
CA TRP B 293 -25.36 -9.14 0.50
C TRP B 293 -26.68 -9.81 0.11
N THR B 294 -26.96 -9.78 -1.18
CA THR B 294 -28.11 -10.48 -1.77
C THR B 294 -27.55 -11.17 -3.00
N ILE B 295 -27.82 -12.45 -3.14
CA ILE B 295 -27.45 -13.17 -4.35
C ILE B 295 -28.23 -12.65 -5.53
N VAL B 296 -27.60 -12.41 -6.66
CA VAL B 296 -28.20 -11.93 -7.86
C VAL B 296 -29.19 -13.02 -8.34
N SER B 297 -30.44 -12.61 -8.49
CA SER B 297 -31.51 -13.54 -8.89
C SER B 297 -31.72 -13.49 -10.39
N GLY B 298 -32.27 -14.60 -10.95
CA GLY B 298 -32.75 -14.57 -12.30
C GLY B 298 -31.80 -14.95 -13.38
N LEU B 299 -30.56 -15.33 -13.07
CA LEU B 299 -29.61 -15.69 -14.09
C LEU B 299 -29.89 -17.10 -14.67
N GLU B 300 -29.82 -17.23 -15.98
CA GLU B 300 -29.96 -18.53 -16.69
C GLU B 300 -28.64 -19.20 -16.77
N ILE B 301 -28.56 -20.39 -16.20
CA ILE B 301 -27.32 -21.16 -16.22
C ILE B 301 -27.25 -22.17 -17.32
N ASP B 302 -26.41 -21.94 -18.30
CA ASP B 302 -26.31 -22.75 -19.52
C ASP B 302 -25.65 -24.05 -19.16
N GLU B 303 -25.70 -25.04 -20.04
CA GLU B 303 -25.14 -26.38 -19.77
C GLU B 303 -23.67 -26.42 -19.43
N PHE B 304 -22.84 -25.65 -20.15
CA PHE B 304 -21.44 -25.60 -19.88
C PHE B 304 -21.19 -25.08 -18.47
N SER B 305 -21.83 -23.95 -18.13
CA SER B 305 -21.67 -23.37 -16.79
C SER B 305 -22.17 -24.27 -15.70
N ARG B 306 -23.32 -24.95 -15.94
CA ARG B 306 -23.83 -25.91 -14.92
C ARG B 306 -22.82 -26.96 -14.62
N GLY B 307 -22.21 -27.53 -15.65
CA GLY B 307 -21.21 -28.59 -15.39
C GLY B 307 -20.02 -28.11 -14.57
N ARG B 308 -19.55 -26.88 -14.84
CA ARG B 308 -18.44 -26.36 -14.12
C ARG B 308 -18.81 -25.95 -12.70
N ILE B 309 -19.99 -25.37 -12.49
CA ILE B 309 -20.47 -25.04 -11.14
C ILE B 309 -20.59 -26.26 -10.28
N ASP B 310 -21.22 -27.30 -10.85
CA ASP B 310 -21.36 -28.54 -10.08
C ASP B 310 -20.05 -29.28 -9.73
N LYS B 311 -19.04 -29.14 -10.56
CA LYS B 311 -17.71 -29.68 -10.25
C LYS B 311 -17.12 -28.96 -9.06
N SER B 312 -17.33 -27.66 -8.99
CA SER B 312 -16.82 -26.91 -7.86
C SER B 312 -17.57 -27.13 -6.61
N THR B 313 -18.89 -27.19 -6.69
CA THR B 313 -19.64 -27.43 -5.46
C THR B 313 -19.47 -28.86 -4.96
N ALA B 314 -19.24 -29.80 -5.86
CA ALA B 314 -18.82 -31.17 -5.44
C ALA B 314 -17.55 -31.13 -4.60
N GLU B 315 -16.57 -30.32 -5.01
CA GLU B 315 -15.36 -30.19 -4.23
C GLU B 315 -15.63 -29.57 -2.86
N LEU B 316 -16.47 -28.50 -2.80
CA LEU B 316 -16.85 -27.89 -1.60
C LEU B 316 -17.55 -28.88 -0.65
N ALA B 317 -18.43 -29.70 -1.21
CA ALA B 317 -19.10 -30.73 -0.37
C ALA B 317 -18.12 -31.77 0.12
N ASP B 318 -17.18 -32.14 -0.68
CA ASP B 318 -16.13 -33.09 -0.27
C ASP B 318 -15.32 -32.49 0.89
N GLU B 319 -14.96 -31.22 0.79
CA GLU B 319 -14.22 -30.59 1.86
C GLU B 319 -15.04 -30.45 3.10
N ARG B 320 -16.33 -30.16 2.98
CA ARG B 320 -17.20 -30.10 4.14
C ARG B 320 -17.29 -31.50 4.83
N SER B 321 -17.41 -32.53 4.03
CA SER B 321 -17.41 -33.91 4.58
C SER B 321 -16.12 -34.20 5.31
N ALA B 322 -14.99 -33.82 4.76
CA ALA B 322 -13.70 -34.10 5.37
C ALA B 322 -13.58 -33.43 6.71
N VAL B 323 -13.97 -32.16 6.81
CA VAL B 323 -13.89 -31.44 8.08
C VAL B 323 -14.94 -31.88 9.08
N THR B 324 -16.06 -32.38 8.57
CA THR B 324 -17.07 -33.01 9.45
C THR B 324 -16.49 -34.30 10.01
N GLU B 325 -15.82 -35.10 9.20
CA GLU B 325 -15.23 -36.37 9.69
C GLU B 325 -14.16 -36.05 10.75
N LEU B 326 -13.37 -35.02 10.53
CA LEU B 326 -12.34 -34.58 11.52
C LEU B 326 -12.90 -33.99 12.81
N GLY B 327 -14.21 -33.84 12.90
CA GLY B 327 -14.85 -33.30 14.05
C GLY B 327 -14.83 -31.80 14.21
N LEU B 328 -14.58 -31.06 13.13
CA LEU B 328 -14.50 -29.60 13.22
C LEU B 328 -15.82 -28.82 13.11
N ILE B 329 -16.87 -29.42 12.59
CA ILE B 329 -18.16 -28.72 12.44
C ILE B 329 -19.08 -28.88 13.68
S SO4 C . 15.13 5.13 6.63
O1 SO4 C . 14.89 4.97 5.17
O2 SO4 C . 15.13 6.49 7.15
O3 SO4 C . 14.16 4.19 7.17
O4 SO4 C . 16.48 4.48 7.01
NA NA D . -4.86 9.39 -8.79
NA NA E . 5.76 8.21 6.30
NA NA F . 19.02 21.32 -12.79
NA NA G . 32.00 20.24 6.52
NA NA H . 14.73 5.64 16.91
NA NA I . 12.56 4.17 17.93
NA NA J . 6.89 -3.75 0.47
NA NA K . 6.26 -2.90 -20.94
NA NA L . 20.27 15.65 20.53
NA NA M . 6.17 3.80 17.22
NA NA N . 15.19 -3.47 -7.01
NA NA O . 18.98 5.94 11.26
NA NA P . 25.86 30.41 0.81
NA NA Q . 26.53 23.03 -5.41
S SO4 R . -3.46 -17.54 -4.84
O1 SO4 R . -2.50 -18.68 -4.77
O2 SO4 R . -2.68 -16.35 -5.18
O3 SO4 R . -4.60 -17.90 -5.75
O4 SO4 R . -4.10 -17.27 -3.53
NA NA S . -8.00 -4.25 -6.26
NA NA T . -7.12 -7.85 -6.63
NA NA U . -22.54 -16.16 4.73
NA NA V . -9.83 2.98 5.43
NA NA W . -29.64 -13.75 -1.23
NA NA X . -2.78 -14.88 13.29
NA NA Y . 0.72 -13.66 3.65
NA NA Z . -13.80 -12.21 2.16
#